data_2WS9
#
_entry.id   2WS9
#
_cell.length_a   344.800
_cell.length_b   531.400
_cell.length_c   488.300
_cell.angle_alpha   90.00
_cell.angle_beta   90.00
_cell.angle_gamma   90.00
#
_symmetry.space_group_name_H-M   'C 2 2 21'
#
loop_
_entity.id
_entity.type
_entity.pdbx_description
1 polymer P1
2 polymer P1
3 polymer P1
4 polymer P1
#
loop_
_entity_poly.entity_id
_entity_poly.type
_entity_poly.pdbx_seq_one_letter_code
_entity_poly.pdbx_strand_id
1 'polypeptide(L)'
;VTNVGEDGEPGETEPRHALSPVDMHVHTDVSFLLDRFFDVETLELSNLTGSPATHVLDPFGSTAQLAWARLLNTCTYFFS
DLELSIQFKFTTTPSSVGEGFVWVKWFPVGAPTKTTDAWQLEGGGNSVRIQQLAVAGMSPTVVFKIAGSRSQACGFSVPY
TSMWRVVPVFYNGWGAPTKEKATYNWLPGAHFGSILLTSDAHDKGGCYLRYRFPRANMYCPRPIPPAFTRPADKTRHKFP
TNINKQ
;
1
2 'polypeptide(L)'
;DKKTEETTNIEDRIETTVVGATIINSQGSVGTTYCYSKPDGRPPSTVSDPVTRLGPTLSRHYTFKVGEWPHSQSHGHAWI
CPLPSDKLKKMGSFHEVVKAHHLVKNGWDVVVQVNASFAHSGALCVAAVPEYEHTHEKALKWSELEEPAYTYQQLSVFPH
QLLNLRTNSSVHLVMPYIGPGPTTNLTLHNPWTIVILILSELTGPGQTVPVTMSVAPIDAMVNGPLPNPE
;
2
3 'polypeptide(L)'
;APIRVVSVPESDSFMSSVPDNSTPLYPKVVVPPRQVPGRFTNFIDVAKQTYSFCSISGKPYFEVTNTSGDEPLFQMDVSL
SAAELHGTYVASLSSFFAQYRGSLNFNFIFTGAAATKAKFLVAFVPPHSAAPKTRDEAMACIHAVWDVGLNSAFSFNVPY
SSPADFMAVYSAEATVVNVSGWLQVYALTALTSTDIAVNSKGRVLVAVSAGPDFSLRHPVDLPDKQ
;
3
4 'polypeptide(L)' GAGTSTPTTGNQNMSGNSGSIVQNFYMQQYQNSIDADLGDNVISPEGQGSNTSSSTSSSQSSGLGGWFSSLLNLGTKLLA 4
#
# COMPACT_ATOMS: atom_id res chain seq x y z
N VAL A 1 18.84 14.19 24.70
CA VAL A 1 19.31 14.92 25.94
C VAL A 1 19.07 14.01 27.18
N THR A 2 20.08 13.91 28.08
CA THR A 2 20.11 13.08 29.33
C THR A 2 19.67 11.60 29.17
N ASN A 3 18.67 11.40 28.32
CA ASN A 3 18.10 10.13 27.94
C ASN A 3 17.25 9.51 28.98
N VAL A 4 17.81 8.57 29.72
CA VAL A 4 17.00 7.82 30.64
C VAL A 4 16.80 8.09 32.11
N GLY A 5 15.51 8.30 32.33
CA GLY A 5 14.72 8.55 33.52
C GLY A 5 14.92 9.04 34.91
N GLU A 6 13.77 9.54 35.35
CA GLU A 6 13.51 10.05 36.69
C GLU A 6 14.22 11.22 37.32
N ASP A 7 14.73 12.13 36.51
CA ASP A 7 15.39 13.33 37.03
C ASP A 7 14.50 14.46 36.52
N GLY A 8 13.72 14.12 35.48
CA GLY A 8 12.77 15.04 34.90
C GLY A 8 13.36 16.18 34.12
N GLU A 9 14.65 16.07 33.82
CA GLU A 9 15.34 17.10 33.07
C GLU A 9 14.82 17.22 31.63
N PRO A 10 14.95 18.41 31.04
CA PRO A 10 14.50 18.71 29.68
C PRO A 10 15.10 17.72 28.72
N GLY A 11 14.24 17.11 27.91
CA GLY A 11 14.69 16.15 26.92
C GLY A 11 14.83 14.74 27.48
N GLU A 12 14.84 14.61 28.79
CA GLU A 12 14.96 13.32 29.43
C GLU A 12 13.61 12.61 29.42
N THR A 13 13.67 11.30 29.10
CA THR A 13 12.53 10.38 29.04
C THR A 13 12.71 9.26 30.07
N GLU A 14 11.63 8.67 30.58
CA GLU A 14 11.79 7.60 31.57
C GLU A 14 12.12 6.24 30.94
N PRO A 15 12.59 5.28 31.76
CA PRO A 15 12.92 3.94 31.26
C PRO A 15 11.74 3.13 30.73
N ARG A 16 11.96 2.36 29.67
CA ARG A 16 10.94 1.48 29.12
C ARG A 16 11.67 0.13 28.96
N HIS A 17 11.01 -0.97 29.31
CA HIS A 17 11.64 -2.26 29.13
C HIS A 17 10.83 -2.94 28.05
N ALA A 18 11.40 -3.15 26.86
CA ALA A 18 10.63 -3.78 25.78
C ALA A 18 10.10 -5.16 26.12
N LEU A 19 8.96 -5.49 25.53
CA LEU A 19 8.32 -6.76 25.77
C LEU A 19 8.98 -7.89 24.99
N SER A 20 8.87 -9.11 25.51
CA SER A 20 9.40 -10.31 24.85
C SER A 20 8.41 -10.72 23.76
N PRO A 21 8.90 -11.31 22.67
CA PRO A 21 8.15 -11.77 21.51
C PRO A 21 6.82 -12.51 21.38
N VAL A 22 6.61 -13.65 22.04
CA VAL A 22 5.33 -14.40 21.87
C VAL A 22 5.01 -14.80 20.40
N ASP A 23 4.14 -14.07 19.71
CA ASP A 23 3.73 -14.41 18.35
C ASP A 23 4.72 -14.43 17.17
N MET A 24 5.94 -13.90 17.33
CA MET A 24 6.95 -13.93 16.26
C MET A 24 6.63 -13.27 14.89
N HIS A 25 5.65 -12.37 14.86
CA HIS A 25 5.30 -11.66 13.61
C HIS A 25 4.93 -12.61 12.48
N VAL A 26 4.49 -13.80 12.78
CA VAL A 26 4.14 -14.75 11.72
C VAL A 26 2.94 -14.30 10.91
N HIS A 27 1.92 -13.76 11.59
CA HIS A 27 0.70 -13.35 10.92
C HIS A 27 0.76 -12.13 10.01
N THR A 28 1.79 -11.30 10.15
CA THR A 28 1.94 -10.11 9.32
C THR A 28 2.81 -10.38 8.09
N ASP A 29 3.12 -11.65 7.90
CA ASP A 29 3.91 -12.10 6.78
C ASP A 29 3.07 -12.02 5.53
N VAL A 30 3.58 -11.31 4.53
CA VAL A 30 2.92 -11.12 3.25
C VAL A 30 2.40 -12.38 2.57
N SER A 31 3.24 -13.40 2.39
CA SER A 31 2.80 -14.60 1.68
C SER A 31 1.91 -15.49 2.47
N PHE A 32 1.97 -15.37 3.79
CA PHE A 32 1.12 -16.15 4.68
C PHE A 32 -0.27 -15.57 4.54
N LEU A 33 -0.38 -14.25 4.64
CA LEU A 33 -1.67 -13.62 4.52
C LEU A 33 -2.36 -13.91 3.21
N LEU A 34 -1.63 -13.95 2.11
CA LEU A 34 -2.26 -14.17 0.82
C LEU A 34 -2.52 -15.62 0.39
N ASP A 35 -1.95 -16.58 1.10
CA ASP A 35 -2.13 -17.96 0.72
C ASP A 35 -3.37 -18.56 1.36
N ARG A 36 -4.55 -18.07 1.00
CA ARG A 36 -5.78 -18.59 1.56
C ARG A 36 -6.84 -18.28 0.52
N PHE A 37 -7.99 -18.96 0.55
CA PHE A 37 -9.00 -18.68 -0.44
C PHE A 37 -9.78 -17.47 -0.05
N PHE A 38 -9.94 -16.55 -0.99
CA PHE A 38 -10.71 -15.33 -0.83
C PHE A 38 -11.90 -15.35 -1.78
N ASP A 39 -13.06 -14.95 -1.29
CA ASP A 39 -14.25 -14.88 -2.13
C ASP A 39 -14.15 -13.49 -2.75
N VAL A 40 -13.61 -13.43 -3.97
CA VAL A 40 -13.43 -12.20 -4.79
C VAL A 40 -14.37 -12.50 -5.93
N GLU A 41 -15.09 -11.56 -6.54
CA GLU A 41 -15.99 -12.01 -7.64
C GLU A 41 -17.04 -13.17 -7.45
N THR A 42 -18.05 -13.07 -8.30
CA THR A 42 -19.19 -13.96 -8.35
C THR A 42 -19.49 -13.88 -9.84
N LEU A 43 -19.74 -14.98 -10.54
CA LEU A 43 -20.03 -14.75 -11.96
C LEU A 43 -21.01 -15.64 -12.67
N GLU A 44 -21.62 -15.15 -13.74
CA GLU A 44 -22.62 -15.89 -14.50
C GLU A 44 -22.10 -16.87 -15.51
N LEU A 45 -22.79 -18.00 -15.65
CA LEU A 45 -22.37 -18.98 -16.64
C LEU A 45 -22.86 -18.59 -18.03
N SER A 46 -22.11 -18.96 -19.06
CA SER A 46 -22.51 -18.67 -20.44
C SER A 46 -23.22 -19.88 -21.00
N ASN A 47 -24.09 -19.71 -21.97
CA ASN A 47 -24.77 -20.89 -22.53
C ASN A 47 -23.74 -21.60 -23.43
N LEU A 48 -23.93 -22.90 -23.62
CA LEU A 48 -23.06 -23.74 -24.43
C LEU A 48 -22.93 -23.18 -25.83
N THR A 49 -24.00 -22.54 -26.25
CA THR A 49 -24.14 -21.98 -27.57
C THR A 49 -23.90 -20.49 -27.69
N GLY A 50 -23.48 -20.07 -28.87
CA GLY A 50 -23.27 -18.65 -29.12
C GLY A 50 -21.85 -18.21 -29.21
N SER A 51 -21.60 -16.93 -28.97
CA SER A 51 -20.23 -16.43 -28.99
C SER A 51 -19.92 -15.72 -27.69
N PRO A 52 -19.65 -16.49 -26.61
CA PRO A 52 -19.35 -15.90 -25.32
C PRO A 52 -18.02 -15.19 -25.22
N ALA A 53 -17.92 -14.34 -24.20
CA ALA A 53 -16.70 -13.59 -23.92
C ALA A 53 -16.04 -14.20 -22.66
N THR A 54 -14.70 -14.14 -22.62
CA THR A 54 -13.97 -14.68 -21.50
C THR A 54 -13.87 -13.66 -20.38
N HIS A 55 -13.84 -14.14 -19.15
CA HIS A 55 -13.72 -13.27 -18.01
C HIS A 55 -12.26 -13.19 -17.56
N VAL A 56 -11.68 -11.99 -17.57
CA VAL A 56 -10.30 -11.78 -17.14
C VAL A 56 -10.14 -11.81 -15.63
N LEU A 57 -9.14 -12.55 -15.16
CA LEU A 57 -8.84 -12.69 -13.72
C LEU A 57 -7.93 -11.53 -13.28
N ASP A 58 -8.53 -10.43 -12.86
CA ASP A 58 -7.76 -9.27 -12.48
C ASP A 58 -8.34 -8.74 -11.20
N PRO A 59 -7.74 -9.11 -10.05
CA PRO A 59 -8.22 -8.67 -8.75
C PRO A 59 -7.53 -7.42 -8.25
N PHE A 60 -6.85 -6.72 -9.16
CA PHE A 60 -6.02 -5.59 -8.75
C PHE A 60 -6.56 -4.23 -8.45
N GLY A 61 -7.42 -3.69 -9.30
CA GLY A 61 -7.89 -2.35 -8.94
C GLY A 61 -9.12 -2.25 -8.08
N SER A 62 -9.46 -3.31 -7.32
CA SER A 62 -10.68 -3.29 -6.49
C SER A 62 -10.98 -2.25 -5.42
N THR A 63 -12.28 -2.00 -5.29
CA THR A 63 -12.82 -1.07 -4.30
C THR A 63 -13.65 -1.79 -3.23
N ALA A 64 -13.88 -3.08 -3.49
CA ALA A 64 -14.65 -3.92 -2.61
C ALA A 64 -14.25 -3.77 -1.15
N GLN A 65 -15.26 -3.66 -0.30
CA GLN A 65 -15.09 -3.51 1.14
C GLN A 65 -14.76 -4.87 1.71
N LEU A 66 -13.70 -5.48 1.18
CA LEU A 66 -13.26 -6.82 1.58
C LEU A 66 -11.75 -6.82 1.88
N ALA A 67 -11.30 -7.72 2.76
CA ALA A 67 -9.88 -7.73 3.07
C ALA A 67 -8.89 -7.97 1.91
N TRP A 68 -9.25 -8.71 0.88
CA TRP A 68 -8.25 -8.93 -0.16
C TRP A 68 -8.07 -7.71 -1.04
N ALA A 69 -9.16 -6.98 -1.25
CA ALA A 69 -9.18 -5.79 -2.09
C ALA A 69 -8.13 -4.83 -1.59
N ARG A 70 -8.26 -4.36 -0.35
CA ARG A 70 -7.22 -3.47 0.21
C ARG A 70 -6.32 -4.55 0.71
N LEU A 71 -5.05 -4.52 0.35
CA LEU A 71 -4.07 -5.55 0.77
C LEU A 71 -3.41 -5.74 -0.55
N LEU A 72 -4.21 -5.98 -1.59
CA LEU A 72 -3.63 -6.09 -2.90
C LEU A 72 -3.20 -4.70 -3.34
N ASN A 73 -3.79 -3.66 -2.75
CA ASN A 73 -3.49 -2.25 -3.04
C ASN A 73 -2.43 -1.61 -2.13
N THR A 74 -1.70 -2.46 -1.42
CA THR A 74 -0.69 -2.01 -0.49
C THR A 74 0.71 -1.96 -1.04
N CYS A 75 0.88 -2.40 -2.27
CA CYS A 75 2.18 -2.43 -2.88
C CYS A 75 2.07 -1.84 -4.27
N THR A 76 3.21 -1.59 -4.91
CA THR A 76 3.21 -1.05 -6.25
C THR A 76 3.32 -2.15 -7.31
N TYR A 77 4.06 -3.20 -7.01
CA TYR A 77 4.24 -4.31 -7.93
C TYR A 77 3.96 -5.59 -7.18
N PHE A 78 3.39 -6.54 -7.87
CA PHE A 78 2.99 -7.80 -7.27
C PHE A 78 3.32 -8.99 -8.14
N PHE A 79 3.64 -10.10 -7.49
CA PHE A 79 3.90 -11.33 -8.16
C PHE A 79 3.38 -12.41 -7.25
N SER A 80 2.70 -13.41 -7.80
CA SER A 80 2.20 -14.55 -7.03
C SER A 80 1.68 -15.55 -8.03
N ASP A 81 1.35 -16.74 -7.58
CA ASP A 81 0.80 -17.76 -8.44
C ASP A 81 -0.69 -17.71 -8.20
N LEU A 82 -1.44 -18.73 -8.59
CA LEU A 82 -2.87 -18.66 -8.36
C LEU A 82 -3.52 -20.02 -8.21
N GLU A 83 -4.58 -20.06 -7.43
CA GLU A 83 -5.36 -21.26 -7.22
C GLU A 83 -6.79 -20.79 -7.27
N LEU A 84 -7.67 -21.60 -7.81
CA LEU A 84 -9.05 -21.22 -7.91
C LEU A 84 -9.97 -22.26 -7.35
N SER A 85 -11.11 -21.77 -6.89
CA SER A 85 -12.20 -22.57 -6.38
C SER A 85 -13.41 -21.96 -7.04
N ILE A 86 -14.14 -22.76 -7.80
CA ILE A 86 -15.34 -22.30 -8.49
C ILE A 86 -16.47 -23.13 -7.94
N GLN A 87 -17.52 -22.49 -7.40
CA GLN A 87 -18.59 -23.25 -6.80
C GLN A 87 -20.01 -23.47 -7.33
N PHE A 88 -20.70 -22.54 -7.93
CA PHE A 88 -22.08 -22.87 -8.36
C PHE A 88 -23.12 -23.07 -7.27
N LYS A 89 -24.00 -22.07 -7.23
CA LYS A 89 -25.05 -21.98 -6.28
C LYS A 89 -26.31 -21.74 -7.11
N PHE A 90 -27.33 -22.56 -6.90
CA PHE A 90 -28.59 -22.41 -7.59
C PHE A 90 -29.26 -21.14 -7.18
N THR A 91 -29.99 -20.56 -8.12
CA THR A 91 -30.80 -19.36 -7.90
C THR A 91 -32.24 -19.74 -8.29
N THR A 92 -32.48 -21.02 -8.60
CA THR A 92 -33.81 -21.52 -8.93
C THR A 92 -33.92 -22.84 -8.20
N THR A 93 -34.82 -23.69 -8.68
CA THR A 93 -35.09 -24.98 -8.09
C THR A 93 -34.03 -25.98 -8.48
N PRO A 94 -33.36 -26.56 -7.47
CA PRO A 94 -32.34 -27.54 -7.78
C PRO A 94 -32.78 -28.70 -8.68
N SER A 95 -34.07 -28.99 -8.73
CA SER A 95 -34.54 -30.08 -9.59
C SER A 95 -34.70 -29.72 -11.07
N SER A 96 -34.33 -28.49 -11.42
CA SER A 96 -34.39 -28.02 -12.80
C SER A 96 -33.29 -28.73 -13.57
N VAL A 97 -32.18 -28.97 -12.87
CA VAL A 97 -31.01 -29.60 -13.46
C VAL A 97 -30.91 -31.08 -13.16
N GLY A 98 -30.94 -31.88 -14.24
CA GLY A 98 -30.84 -33.32 -14.09
C GLY A 98 -29.45 -33.87 -14.34
N GLU A 99 -28.61 -33.08 -15.02
CA GLU A 99 -27.23 -33.47 -15.33
C GLU A 99 -26.33 -32.25 -15.03
N GLY A 100 -26.46 -31.18 -15.81
CA GLY A 100 -25.69 -29.99 -15.56
C GLY A 100 -24.18 -30.02 -15.58
N PHE A 101 -23.61 -30.37 -16.72
CA PHE A 101 -22.16 -30.34 -16.84
C PHE A 101 -21.83 -28.89 -17.04
N VAL A 102 -20.69 -28.52 -16.49
CA VAL A 102 -20.14 -27.20 -16.58
C VAL A 102 -18.73 -27.38 -17.11
N TRP A 103 -18.44 -26.72 -18.22
CA TRP A 103 -17.11 -26.74 -18.82
C TRP A 103 -16.42 -25.47 -18.38
N VAL A 104 -15.22 -25.60 -17.83
CA VAL A 104 -14.39 -24.47 -17.39
C VAL A 104 -13.14 -24.50 -18.26
N LYS A 105 -12.69 -23.37 -18.79
CA LYS A 105 -11.49 -23.35 -19.60
C LYS A 105 -10.69 -22.21 -19.05
N TRP A 106 -9.40 -22.41 -18.81
CA TRP A 106 -8.56 -21.33 -18.32
C TRP A 106 -7.60 -20.98 -19.46
N PHE A 107 -7.32 -19.69 -19.61
CA PHE A 107 -6.44 -19.20 -20.66
C PHE A 107 -5.26 -18.42 -20.09
N PRO A 108 -4.02 -18.76 -20.53
CA PRO A 108 -2.83 -18.06 -20.04
C PRO A 108 -2.83 -16.61 -20.54
N VAL A 109 -2.05 -15.72 -19.90
CA VAL A 109 -1.99 -14.32 -20.35
C VAL A 109 -1.52 -14.20 -21.81
N GLY A 110 -2.39 -13.70 -22.68
CA GLY A 110 -2.04 -13.53 -24.09
C GLY A 110 -2.76 -14.42 -25.09
N ALA A 111 -3.57 -15.34 -24.58
CA ALA A 111 -4.30 -16.28 -25.38
C ALA A 111 -5.40 -15.69 -26.25
N PRO A 112 -5.57 -16.23 -27.47
CA PRO A 112 -6.59 -15.79 -28.42
C PRO A 112 -7.95 -16.18 -27.80
N THR A 113 -8.97 -15.41 -28.10
CA THR A 113 -10.25 -15.58 -27.43
C THR A 113 -11.62 -15.75 -28.16
N LYS A 114 -11.65 -15.63 -29.49
CA LYS A 114 -12.92 -15.77 -30.23
C LYS A 114 -13.39 -17.22 -30.28
N THR A 115 -14.60 -17.46 -29.75
CA THR A 115 -15.21 -18.79 -29.75
C THR A 115 -16.65 -18.67 -30.18
N THR A 116 -17.11 -19.75 -30.80
CA THR A 116 -18.47 -19.96 -31.28
C THR A 116 -18.65 -21.49 -31.16
N ASP A 117 -19.87 -21.95 -30.84
CA ASP A 117 -20.16 -23.37 -30.74
C ASP A 117 -19.64 -24.06 -32.01
N ALA A 118 -18.91 -25.15 -31.87
CA ALA A 118 -18.37 -25.81 -33.05
C ALA A 118 -18.16 -27.30 -32.93
N TRP A 119 -18.20 -27.85 -31.72
CA TRP A 119 -17.99 -29.28 -31.48
C TRP A 119 -19.31 -29.96 -31.19
N GLN A 120 -19.79 -30.77 -32.13
CA GLN A 120 -21.06 -31.44 -31.96
C GLN A 120 -20.97 -32.88 -31.43
N LEU A 121 -21.85 -33.17 -30.48
CA LEU A 121 -21.98 -34.48 -29.85
C LEU A 121 -23.33 -34.89 -30.38
N GLU A 122 -23.45 -36.15 -30.76
CA GLU A 122 -24.67 -36.64 -31.36
C GLU A 122 -25.17 -37.85 -30.62
N GLY A 123 -26.49 -37.96 -30.46
CA GLY A 123 -27.03 -39.11 -29.77
C GLY A 123 -28.52 -39.29 -29.86
N GLY A 124 -28.96 -40.28 -30.63
CA GLY A 124 -30.37 -40.55 -30.76
C GLY A 124 -31.28 -39.45 -31.31
N GLY A 125 -30.82 -38.73 -32.33
CA GLY A 125 -31.61 -37.66 -32.90
C GLY A 125 -31.03 -36.37 -32.39
N ASN A 126 -31.47 -35.93 -31.21
CA ASN A 126 -30.94 -34.73 -30.57
C ASN A 126 -29.39 -34.65 -30.55
N SER A 127 -28.85 -33.43 -30.53
CA SER A 127 -27.43 -33.22 -30.46
C SER A 127 -27.06 -32.07 -29.50
N VAL A 128 -25.79 -32.01 -29.10
CA VAL A 128 -25.31 -31.00 -28.17
C VAL A 128 -24.08 -30.35 -28.78
N ARG A 129 -23.99 -29.03 -28.67
CA ARG A 129 -22.87 -28.29 -29.23
C ARG A 129 -22.09 -27.53 -28.17
N ILE A 130 -20.76 -27.64 -28.17
CA ILE A 130 -19.95 -26.89 -27.21
C ILE A 130 -19.01 -25.95 -27.97
N GLN A 131 -18.52 -24.94 -27.28
CA GLN A 131 -17.62 -23.95 -27.86
C GLN A 131 -16.32 -24.49 -28.43
N GLN A 132 -15.81 -23.77 -29.41
CA GLN A 132 -14.52 -24.06 -30.03
C GLN A 132 -13.43 -24.08 -28.94
N LEU A 133 -13.52 -23.13 -28.01
CA LEU A 133 -12.56 -23.02 -26.95
C LEU A 133 -12.97 -23.60 -25.61
N ALA A 134 -13.91 -24.54 -25.59
CA ALA A 134 -14.30 -25.14 -24.33
C ALA A 134 -13.74 -26.55 -24.32
N VAL A 135 -13.44 -27.06 -25.51
CA VAL A 135 -12.90 -28.39 -25.68
C VAL A 135 -11.58 -28.56 -24.93
N ALA A 136 -11.34 -29.79 -24.47
CA ALA A 136 -10.12 -30.15 -23.77
C ALA A 136 -8.97 -30.12 -24.74
N GLY A 137 -7.87 -29.49 -24.35
CA GLY A 137 -6.74 -29.44 -25.25
C GLY A 137 -5.48 -28.85 -24.66
N MET A 138 -4.91 -27.89 -25.41
CA MET A 138 -3.68 -27.18 -25.04
C MET A 138 -3.71 -26.56 -23.67
N SER A 139 -4.73 -25.76 -23.36
CA SER A 139 -4.85 -25.17 -22.03
C SER A 139 -5.90 -25.99 -21.26
N PRO A 140 -5.83 -25.98 -19.93
CA PRO A 140 -6.75 -26.73 -19.10
C PRO A 140 -8.26 -26.54 -19.26
N THR A 141 -8.97 -27.67 -19.41
CA THR A 141 -10.42 -27.72 -19.47
C THR A 141 -10.80 -28.56 -18.26
N VAL A 142 -11.75 -28.11 -17.45
CA VAL A 142 -12.20 -28.88 -16.29
C VAL A 142 -13.69 -29.11 -16.50
N VAL A 143 -14.17 -30.31 -16.23
CA VAL A 143 -15.58 -30.58 -16.43
C VAL A 143 -16.15 -31.19 -15.18
N PHE A 144 -17.12 -30.51 -14.59
CA PHE A 144 -17.77 -31.04 -13.40
C PHE A 144 -19.26 -31.04 -13.60
N LYS A 145 -19.92 -31.99 -12.97
CA LYS A 145 -21.36 -32.17 -13.07
C LYS A 145 -21.99 -31.56 -11.82
N ILE A 146 -23.15 -30.92 -11.93
CA ILE A 146 -23.84 -30.30 -10.77
C ILE A 146 -25.11 -31.11 -10.67
N ALA A 147 -25.21 -32.14 -9.88
CA ALA A 147 -26.47 -32.89 -9.86
C ALA A 147 -26.05 -34.06 -9.09
N GLY A 148 -26.43 -34.02 -7.82
CA GLY A 148 -26.00 -35.05 -6.93
C GLY A 148 -24.65 -34.63 -6.40
N SER A 149 -23.99 -33.68 -7.06
CA SER A 149 -22.68 -33.22 -6.65
C SER A 149 -22.82 -32.87 -5.20
N ARG A 150 -21.86 -33.32 -4.38
CA ARG A 150 -21.87 -33.10 -2.94
C ARG A 150 -21.33 -31.71 -2.59
N SER A 151 -20.66 -31.10 -3.57
CA SER A 151 -20.07 -29.76 -3.50
C SER A 151 -20.31 -29.43 -4.92
N GLN A 152 -20.91 -28.33 -5.27
CA GLN A 152 -21.06 -28.26 -6.70
C GLN A 152 -19.91 -27.51 -7.27
N ALA A 153 -18.70 -27.93 -6.95
CA ALA A 153 -17.49 -27.23 -7.39
C ALA A 153 -16.35 -27.97 -8.06
N CYS A 154 -15.33 -27.19 -8.41
CA CYS A 154 -14.09 -27.66 -9.01
C CYS A 154 -12.98 -26.74 -8.47
N GLY A 155 -11.71 -27.05 -8.76
CA GLY A 155 -10.61 -26.23 -8.28
C GLY A 155 -9.30 -26.76 -8.83
N PHE A 156 -8.33 -25.87 -9.01
CA PHE A 156 -7.03 -26.24 -9.57
C PHE A 156 -6.06 -25.08 -9.41
N SER A 157 -4.77 -25.34 -9.62
CA SER A 157 -3.72 -24.35 -9.50
C SER A 157 -3.22 -23.99 -10.87
N VAL A 158 -2.80 -22.76 -11.00
CA VAL A 158 -2.35 -22.28 -12.26
C VAL A 158 -1.18 -21.32 -11.96
N PRO A 159 -0.20 -21.20 -12.86
CA PRO A 159 0.91 -20.29 -12.57
C PRO A 159 0.82 -18.86 -13.06
N TYR A 160 1.85 -18.09 -12.74
CA TYR A 160 1.94 -16.72 -13.17
C TYR A 160 2.35 -16.80 -14.66
N THR A 161 1.44 -16.34 -15.53
CA THR A 161 1.65 -16.39 -16.97
C THR A 161 1.95 -15.05 -17.65
N SER A 162 1.90 -13.96 -16.91
CA SER A 162 2.17 -12.66 -17.52
C SER A 162 3.56 -12.61 -18.12
N MET A 163 3.75 -11.65 -19.03
CA MET A 163 5.04 -11.45 -19.67
C MET A 163 5.85 -10.47 -18.90
N TRP A 164 5.23 -9.74 -17.98
CA TRP A 164 5.92 -8.76 -17.16
C TRP A 164 6.55 -9.51 -16.00
N ARG A 165 7.76 -9.13 -15.60
CA ARG A 165 8.42 -9.82 -14.50
C ARG A 165 7.67 -9.62 -13.19
N VAL A 166 6.82 -8.60 -13.19
CA VAL A 166 6.03 -8.20 -12.03
C VAL A 166 4.79 -7.43 -12.53
N VAL A 167 3.67 -7.59 -11.85
CA VAL A 167 2.43 -6.93 -12.23
C VAL A 167 2.33 -5.54 -11.58
N PRO A 168 2.24 -4.49 -12.37
CA PRO A 168 2.14 -3.18 -11.74
C PRO A 168 0.73 -2.94 -11.26
N VAL A 169 0.54 -2.82 -9.95
CA VAL A 169 -0.76 -2.56 -9.38
C VAL A 169 -1.12 -1.12 -9.66
N PHE A 170 -0.10 -0.28 -9.86
CA PHE A 170 -0.29 1.13 -10.19
C PHE A 170 0.67 1.42 -11.33
N TYR A 171 0.22 2.20 -12.32
CA TYR A 171 1.07 2.50 -13.46
C TYR A 171 0.88 3.93 -13.95
N ASN A 172 1.90 4.76 -13.79
CA ASN A 172 1.87 6.16 -14.19
C ASN A 172 2.26 6.29 -15.64
N GLY A 173 1.38 5.89 -16.53
CA GLY A 173 1.70 5.96 -17.93
C GLY A 173 0.65 5.22 -18.71
N TRP A 174 0.82 5.03 -20.02
CA TRP A 174 -0.16 4.32 -20.84
C TRP A 174 0.34 3.00 -21.40
N GLY A 175 -0.56 2.04 -21.47
CA GLY A 175 -0.22 0.75 -22.02
C GLY A 175 -0.28 0.65 -23.55
N ALA A 176 -0.62 1.73 -24.24
CA ALA A 176 -0.70 1.72 -25.72
C ALA A 176 -0.17 3.05 -26.26
N PRO A 177 0.46 3.05 -27.45
CA PRO A 177 1.03 4.24 -28.09
C PRO A 177 0.06 5.42 -28.32
N THR A 178 -1.22 5.09 -28.49
CA THR A 178 -2.33 6.04 -28.68
C THR A 178 -2.66 6.38 -27.21
N LYS A 179 -2.61 7.61 -26.76
CA LYS A 179 -2.82 7.74 -25.32
C LYS A 179 -4.24 8.01 -24.89
N GLU A 180 -5.09 7.02 -25.07
CA GLU A 180 -6.49 7.17 -24.74
C GLU A 180 -6.84 7.05 -23.28
N LYS A 181 -7.76 7.90 -22.84
CA LYS A 181 -8.26 7.81 -21.47
C LYS A 181 -8.86 6.43 -21.60
N ALA A 182 -8.25 5.42 -20.98
CA ALA A 182 -8.73 4.00 -21.10
C ALA A 182 -7.53 3.15 -20.88
N THR A 183 -6.49 3.51 -21.61
CA THR A 183 -5.23 2.83 -21.55
C THR A 183 -4.37 3.51 -20.50
N TYR A 184 -4.93 4.42 -19.70
CA TYR A 184 -4.14 5.13 -18.70
C TYR A 184 -3.51 4.29 -17.57
N ASN A 185 -4.11 3.97 -16.45
CA ASN A 185 -3.30 3.13 -15.54
C ASN A 185 -3.52 1.76 -16.07
N TRP A 186 -2.82 1.46 -17.16
CA TRP A 186 -3.07 0.21 -17.79
C TRP A 186 -2.07 -0.89 -17.98
N LEU A 187 -1.25 -0.86 -19.01
CA LEU A 187 -0.30 -2.01 -19.17
C LEU A 187 -0.97 -3.37 -19.43
N PRO A 188 -0.92 -3.85 -20.71
CA PRO A 188 -1.52 -5.11 -21.11
C PRO A 188 -0.93 -6.30 -20.43
N GLY A 189 -1.74 -7.25 -20.07
CA GLY A 189 -1.23 -8.46 -19.44
C GLY A 189 -0.87 -8.38 -17.99
N ALA A 190 -1.30 -7.36 -17.29
CA ALA A 190 -1.03 -7.25 -15.86
C ALA A 190 -2.15 -8.04 -15.12
N HIS A 191 -2.20 -9.36 -15.35
CA HIS A 191 -3.19 -10.23 -14.72
C HIS A 191 -2.84 -11.73 -14.74
N PHE A 192 -3.82 -12.54 -14.38
CA PHE A 192 -3.66 -13.99 -14.28
C PHE A 192 -4.19 -14.85 -15.41
N GLY A 193 -4.78 -14.20 -16.40
CA GLY A 193 -5.30 -14.89 -17.56
C GLY A 193 -6.77 -14.64 -17.62
N SER A 194 -7.54 -15.63 -18.09
CA SER A 194 -9.00 -15.52 -18.15
C SER A 194 -9.65 -16.90 -18.14
N ILE A 195 -10.92 -16.98 -17.73
CA ILE A 195 -11.65 -18.25 -17.71
C ILE A 195 -12.92 -18.12 -18.54
N LEU A 196 -13.53 -19.25 -18.87
CA LEU A 196 -14.75 -19.32 -19.65
C LEU A 196 -15.60 -20.40 -19.01
N LEU A 197 -16.70 -20.02 -18.39
CA LEU A 197 -17.61 -20.96 -17.74
C LEU A 197 -18.75 -21.14 -18.73
N THR A 198 -19.06 -22.37 -19.07
CA THR A 198 -20.05 -22.62 -20.10
C THR A 198 -20.93 -23.82 -19.71
N SER A 199 -22.25 -23.66 -19.80
CA SER A 199 -23.14 -24.75 -19.38
C SER A 199 -24.59 -24.65 -19.77
N ASP A 200 -25.26 -25.81 -19.87
CA ASP A 200 -26.70 -25.79 -20.17
C ASP A 200 -27.51 -25.20 -18.97
N ALA A 201 -26.85 -25.04 -17.81
CA ALA A 201 -27.50 -24.40 -16.65
C ALA A 201 -27.54 -22.91 -16.95
N HIS A 202 -26.44 -22.18 -16.89
CA HIS A 202 -26.42 -20.73 -17.21
C HIS A 202 -27.50 -19.84 -16.60
N ASP A 203 -28.79 -20.19 -16.83
CA ASP A 203 -29.87 -19.54 -16.07
C ASP A 203 -29.77 -20.55 -14.89
N LYS A 204 -30.78 -20.70 -14.04
CA LYS A 204 -30.63 -21.71 -12.94
C LYS A 204 -29.56 -21.44 -11.85
N GLY A 205 -28.53 -20.64 -12.10
CA GLY A 205 -27.53 -20.39 -11.08
C GLY A 205 -26.32 -19.59 -11.51
N GLY A 206 -25.43 -19.36 -10.55
CA GLY A 206 -24.21 -18.61 -10.80
C GLY A 206 -23.03 -19.26 -10.11
N CYS A 207 -21.86 -18.62 -10.15
CA CYS A 207 -20.71 -19.26 -9.58
C CYS A 207 -19.94 -19.06 -8.29
N TYR A 208 -19.35 -17.92 -7.98
CA TYR A 208 -18.50 -17.82 -6.74
C TYR A 208 -17.10 -18.21 -7.15
N LEU A 209 -16.23 -17.22 -7.28
CA LEU A 209 -14.86 -17.41 -7.67
C LEU A 209 -13.98 -17.12 -6.49
N ARG A 210 -13.13 -18.05 -6.06
CA ARG A 210 -12.26 -17.71 -4.97
C ARG A 210 -10.84 -17.79 -5.48
N TYR A 211 -9.98 -16.86 -5.06
CA TYR A 211 -8.59 -16.86 -5.50
C TYR A 211 -7.73 -17.14 -4.31
N ARG A 212 -6.61 -17.81 -4.51
CA ARG A 212 -5.65 -18.07 -3.48
C ARG A 212 -4.36 -17.65 -4.16
N PHE A 213 -3.49 -16.92 -3.46
CA PHE A 213 -2.25 -16.44 -4.05
C PHE A 213 -0.96 -16.99 -3.45
N PRO A 214 -0.63 -18.23 -3.78
CA PRO A 214 0.59 -18.82 -3.25
C PRO A 214 1.83 -18.16 -3.83
N ARG A 215 2.92 -18.13 -3.06
CA ARG A 215 4.19 -17.53 -3.51
C ARG A 215 4.12 -16.03 -3.77
N ALA A 216 3.36 -15.28 -2.98
CA ALA A 216 3.22 -13.84 -3.19
C ALA A 216 4.46 -13.07 -2.81
N ASN A 217 4.74 -12.03 -3.59
CA ASN A 217 5.88 -11.14 -3.38
C ASN A 217 5.33 -9.74 -3.57
N MET A 218 5.57 -8.82 -2.64
CA MET A 218 5.11 -7.46 -2.83
C MET A 218 6.31 -6.56 -2.86
N TYR A 219 6.21 -5.49 -3.64
CA TYR A 219 7.27 -4.51 -3.81
C TYR A 219 6.77 -3.09 -3.61
N CYS A 220 7.59 -2.26 -2.98
CA CYS A 220 7.31 -0.86 -2.72
C CYS A 220 5.98 -0.55 -2.03
N PRO A 221 5.96 -0.63 -0.69
CA PRO A 221 4.75 -0.36 0.06
C PRO A 221 4.11 0.98 -0.25
N ARG A 222 2.81 1.02 -0.15
CA ARG A 222 2.03 2.20 -0.41
C ARG A 222 1.10 2.37 0.75
N PRO A 223 0.50 3.56 0.85
CA PRO A 223 -0.45 3.92 1.90
C PRO A 223 -1.61 2.94 1.89
N ILE A 224 -2.16 2.70 3.07
CA ILE A 224 -3.29 1.81 3.27
C ILE A 224 -4.52 2.65 3.62
N PRO A 225 -5.55 2.62 2.77
CA PRO A 225 -6.80 3.37 2.99
C PRO A 225 -7.65 2.89 4.19
N PRO A 226 -8.05 3.81 5.06
CA PRO A 226 -8.83 3.70 6.29
C PRO A 226 -9.85 2.60 6.64
N ALA A 227 -10.77 2.33 5.72
CA ALA A 227 -11.84 1.30 5.93
C ALA A 227 -13.06 1.75 6.72
N PHE A 228 -12.88 2.60 7.73
CA PHE A 228 -13.99 3.10 8.53
C PHE A 228 -13.89 4.63 8.53
N THR A 229 -14.93 5.31 8.99
CA THR A 229 -14.92 6.77 9.02
C THR A 229 -14.15 7.26 10.23
N ARG A 230 -13.89 8.56 10.31
CA ARG A 230 -13.16 9.07 11.47
C ARG A 230 -14.12 9.39 12.62
N PRO A 231 -13.87 8.82 13.83
CA PRO A 231 -14.78 9.12 14.93
C PRO A 231 -14.56 10.58 15.38
N ALA A 232 -15.34 11.02 16.36
CA ALA A 232 -15.20 12.40 16.82
C ALA A 232 -13.88 12.62 17.52
N ASP A 233 -13.46 13.87 17.50
CA ASP A 233 -12.21 14.24 18.12
C ASP A 233 -12.11 13.75 19.53
N LYS A 234 -10.97 13.15 19.86
CA LYS A 234 -10.71 12.65 21.21
C LYS A 234 -11.55 11.48 21.66
N THR A 235 -12.20 10.79 20.71
CA THR A 235 -13.00 9.63 21.07
C THR A 235 -12.34 8.45 20.41
N ARG A 236 -13.04 7.33 20.49
CA ARG A 236 -12.58 6.06 19.97
C ARG A 236 -13.71 5.44 19.15
N HIS A 237 -13.40 4.65 18.15
CA HIS A 237 -14.47 4.01 17.42
C HIS A 237 -14.93 2.87 18.32
N LYS A 238 -16.21 2.56 18.33
CA LYS A 238 -16.70 1.46 19.17
C LYS A 238 -17.41 0.45 18.26
N PHE A 239 -16.86 -0.75 18.11
CA PHE A 239 -17.42 -1.78 17.21
C PHE A 239 -18.02 -3.02 17.89
N PRO A 240 -19.01 -3.65 17.24
CA PRO A 240 -19.55 -4.86 17.87
C PRO A 240 -18.39 -5.86 17.71
N THR A 241 -18.26 -6.80 18.66
CA THR A 241 -17.13 -7.72 18.76
C THR A 241 -17.44 -8.95 19.65
N ASN A 242 -16.58 -9.97 19.64
CA ASN A 242 -16.67 -11.19 20.49
C ASN A 242 -16.61 -10.87 21.97
N ILE A 243 -15.63 -10.03 22.28
CA ILE A 243 -15.31 -9.55 23.60
C ILE A 243 -16.45 -8.79 24.30
N ASN A 244 -16.73 -7.59 23.81
CA ASN A 244 -17.75 -6.70 24.33
C ASN A 244 -18.58 -7.03 25.57
N LYS A 245 -18.69 -5.99 26.38
CA LYS A 245 -19.44 -5.96 27.61
C LYS A 245 -20.85 -6.38 27.25
N GLN A 246 -21.27 -7.47 27.89
CA GLN A 246 -22.60 -8.05 27.70
C GLN A 246 -23.74 -7.08 28.07
N GLY B 31 21.49 15.69 3.72
CA GLY B 31 21.69 14.20 3.88
C GLY B 31 21.12 13.54 2.64
N THR B 32 21.73 12.49 2.12
CA THR B 32 21.20 11.85 0.91
C THR B 32 20.33 10.67 1.23
N THR B 33 19.12 10.62 0.65
CA THR B 33 18.23 9.48 0.87
C THR B 33 18.15 8.67 -0.41
N TYR B 34 18.44 7.37 -0.32
CA TYR B 34 18.37 6.50 -1.49
C TYR B 34 16.99 5.89 -1.52
N CYS B 35 16.30 6.00 -2.64
CA CYS B 35 14.95 5.46 -2.73
C CYS B 35 14.97 4.00 -3.11
N TYR B 36 14.66 3.15 -2.13
CA TYR B 36 14.61 1.70 -2.30
C TYR B 36 16.01 1.05 -2.48
N SER B 37 16.90 1.66 -3.26
CA SER B 37 18.27 1.15 -3.45
C SER B 37 19.13 2.12 -4.24
N LYS B 38 20.40 1.80 -4.39
CA LYS B 38 21.32 2.66 -5.15
C LYS B 38 21.20 2.35 -6.64
N PRO B 39 21.48 3.34 -7.50
CA PRO B 39 21.39 3.08 -8.94
C PRO B 39 22.45 2.11 -9.46
N ASP B 40 22.13 1.42 -10.55
CA ASP B 40 23.03 0.47 -11.18
C ASP B 40 23.20 0.83 -12.66
N GLY B 41 24.28 0.37 -13.26
CA GLY B 41 24.52 0.69 -14.64
C GLY B 41 24.35 -0.53 -15.51
N ARG B 42 23.65 -1.54 -14.99
CA ARG B 42 23.41 -2.76 -15.72
C ARG B 42 22.50 -2.48 -16.91
N PRO B 43 22.80 -3.04 -18.08
CA PRO B 43 21.96 -2.82 -19.25
C PRO B 43 20.70 -3.68 -19.17
N PRO B 44 19.59 -3.24 -19.79
CA PRO B 44 18.32 -3.98 -19.78
C PRO B 44 18.42 -5.40 -20.27
N SER B 45 17.88 -6.32 -19.49
CA SER B 45 17.89 -7.75 -19.80
C SER B 45 17.09 -8.06 -21.04
N THR B 46 16.17 -7.17 -21.41
CA THR B 46 15.25 -7.38 -22.53
C THR B 46 15.49 -6.63 -23.83
N VAL B 47 16.74 -6.29 -24.12
CA VAL B 47 17.05 -5.62 -25.37
C VAL B 47 18.28 -6.28 -25.95
N SER B 48 18.13 -6.85 -27.14
CA SER B 48 19.25 -7.51 -27.77
C SER B 48 19.86 -6.60 -28.82
N ASP B 49 19.63 -5.31 -28.66
CA ASP B 49 20.12 -4.35 -29.66
C ASP B 49 21.10 -3.42 -28.94
N PRO B 50 22.01 -2.75 -29.67
CA PRO B 50 22.93 -1.91 -28.93
C PRO B 50 22.41 -0.82 -28.01
N VAL B 51 22.95 -0.86 -26.79
CA VAL B 51 22.65 0.07 -25.69
C VAL B 51 23.75 1.11 -25.57
N THR B 52 23.39 2.37 -25.52
CA THR B 52 24.34 3.45 -25.41
C THR B 52 24.32 4.01 -24.01
N ARG B 53 25.46 4.01 -23.34
CA ARG B 53 25.57 4.52 -21.99
C ARG B 53 25.90 6.03 -22.08
N LEU B 54 24.97 6.88 -21.64
CA LEU B 54 25.22 8.31 -21.66
C LEU B 54 26.10 8.65 -20.46
N GLY B 55 27.24 9.25 -20.75
CA GLY B 55 28.13 9.64 -19.69
C GLY B 55 27.57 10.86 -18.99
N PRO B 56 28.11 11.20 -17.84
CA PRO B 56 27.67 12.35 -17.07
C PRO B 56 27.68 13.66 -17.84
N THR B 57 28.66 13.84 -18.71
CA THR B 57 28.79 15.07 -19.48
C THR B 57 27.77 15.19 -20.60
N LEU B 58 27.03 14.10 -20.84
CA LEU B 58 26.03 14.06 -21.86
C LEU B 58 24.67 14.23 -21.23
N SER B 59 24.37 13.47 -20.17
CA SER B 59 23.09 13.59 -19.46
C SER B 59 23.54 14.49 -18.37
N ARG B 60 23.32 15.77 -18.51
CA ARG B 60 23.96 16.63 -17.52
C ARG B 60 23.16 16.82 -16.27
N HIS B 61 22.65 18.03 -16.06
CA HIS B 61 21.85 18.34 -14.89
C HIS B 61 21.07 19.57 -15.27
N TYR B 62 19.84 19.64 -14.79
CA TYR B 62 18.95 20.75 -15.11
C TYR B 62 18.32 21.31 -13.84
N THR B 63 18.08 22.61 -13.86
CA THR B 63 17.58 23.33 -12.72
C THR B 63 16.27 24.08 -13.01
N PHE B 64 15.25 23.76 -12.22
CA PHE B 64 13.92 24.35 -12.39
C PHE B 64 13.36 25.04 -11.13
N LYS B 65 12.39 25.93 -11.32
CA LYS B 65 11.72 26.52 -10.17
C LYS B 65 10.40 25.73 -10.26
N VAL B 66 10.02 25.05 -9.17
CA VAL B 66 8.81 24.23 -9.14
C VAL B 66 7.56 25.10 -9.02
N GLY B 67 7.65 26.16 -8.21
CA GLY B 67 6.53 27.07 -7.98
C GLY B 67 6.75 27.87 -6.71
N GLU B 68 5.71 28.56 -6.21
CA GLU B 68 5.82 29.37 -4.99
C GLU B 68 4.80 28.93 -3.97
N TRP B 69 5.27 28.65 -2.77
CA TRP B 69 4.43 28.20 -1.67
C TRP B 69 3.88 29.43 -0.98
N PRO B 70 2.55 29.65 -1.03
CA PRO B 70 1.88 30.80 -0.43
C PRO B 70 1.17 30.52 0.90
N HIS B 71 0.81 31.58 1.61
CA HIS B 71 0.14 31.40 2.89
C HIS B 71 -1.26 30.81 2.73
N SER B 72 -1.91 31.12 1.61
CA SER B 72 -3.28 30.69 1.34
C SER B 72 -3.51 29.21 1.10
N GLN B 73 -2.50 28.55 0.56
CA GLN B 73 -2.56 27.13 0.26
C GLN B 73 -2.59 26.31 1.55
N SER B 74 -3.44 25.29 1.62
CA SER B 74 -3.53 24.51 2.86
C SER B 74 -2.94 23.10 2.86
N HIS B 75 -2.72 22.55 4.05
CA HIS B 75 -2.15 21.22 4.18
C HIS B 75 -2.85 20.21 3.29
N GLY B 76 -2.07 19.38 2.61
CA GLY B 76 -2.64 18.41 1.71
C GLY B 76 -2.35 18.84 0.29
N HIS B 77 -2.14 20.13 0.08
CA HIS B 77 -1.82 20.61 -1.25
C HIS B 77 -0.45 20.11 -1.65
N ALA B 78 -0.31 19.63 -2.88
CA ALA B 78 0.95 19.11 -3.32
C ALA B 78 1.30 19.52 -4.73
N TRP B 79 2.60 19.74 -4.97
CA TRP B 79 3.09 20.03 -6.32
C TRP B 79 3.54 18.63 -6.77
N ILE B 80 2.96 18.15 -7.87
CA ILE B 80 3.26 16.83 -8.41
C ILE B 80 4.20 17.00 -9.59
N CYS B 81 5.39 16.41 -9.50
CA CYS B 81 6.38 16.54 -10.55
C CYS B 81 6.83 15.23 -11.14
N PRO B 82 6.06 14.65 -12.06
CA PRO B 82 6.51 13.39 -12.64
C PRO B 82 7.83 13.63 -13.35
N LEU B 83 8.74 12.68 -13.32
CA LEU B 83 10.03 12.87 -13.95
C LEU B 83 10.27 12.07 -15.25
N PRO B 84 10.38 12.79 -16.37
CA PRO B 84 10.31 14.26 -16.41
C PRO B 84 9.02 14.73 -17.03
N SER B 85 8.84 14.22 -18.22
CA SER B 85 7.74 14.42 -19.11
C SER B 85 6.99 15.68 -19.35
N ASP B 86 7.18 16.74 -18.60
CA ASP B 86 6.52 17.89 -19.15
C ASP B 86 7.62 18.93 -19.37
N LYS B 87 8.76 18.55 -18.79
CA LYS B 87 9.98 19.33 -18.80
C LYS B 87 11.11 18.65 -19.54
N LEU B 88 10.80 17.57 -20.27
CA LEU B 88 11.86 16.88 -20.99
C LEU B 88 12.44 17.82 -22.02
N LYS B 89 11.58 18.65 -22.61
CA LYS B 89 11.99 19.59 -23.64
C LYS B 89 12.97 20.66 -23.15
N LYS B 90 13.10 20.79 -21.84
CA LYS B 90 14.01 21.76 -21.25
C LYS B 90 15.24 21.10 -20.67
N MET B 91 15.43 19.82 -20.97
CA MET B 91 16.56 19.07 -20.47
C MET B 91 17.65 18.96 -21.52
N GLY B 92 17.90 20.08 -22.17
CA GLY B 92 18.92 20.18 -23.19
C GLY B 92 19.52 18.93 -23.80
N SER B 93 20.76 18.64 -23.42
CA SER B 93 21.50 17.50 -23.97
C SER B 93 20.83 16.14 -23.87
N PHE B 94 20.42 15.80 -22.64
CA PHE B 94 19.73 14.56 -22.32
C PHE B 94 18.51 14.49 -23.21
N HIS B 95 17.79 15.59 -23.29
CA HIS B 95 16.60 15.68 -24.09
C HIS B 95 16.86 15.31 -25.54
N GLU B 96 17.91 15.85 -26.15
CA GLU B 96 18.24 15.56 -27.54
C GLU B 96 18.50 14.08 -27.80
N VAL B 97 19.26 13.44 -26.91
CA VAL B 97 19.58 12.02 -27.02
C VAL B 97 18.35 11.15 -26.80
N VAL B 98 17.64 11.39 -25.71
CA VAL B 98 16.46 10.61 -25.40
C VAL B 98 15.43 10.67 -26.51
N LYS B 99 15.25 11.87 -27.03
CA LYS B 99 14.31 12.20 -28.10
C LYS B 99 14.48 11.34 -29.36
N ALA B 100 15.73 10.97 -29.65
CA ALA B 100 16.11 10.17 -30.81
C ALA B 100 16.10 8.65 -30.62
N HIS B 101 15.74 8.17 -29.44
CA HIS B 101 15.72 6.75 -29.17
C HIS B 101 14.42 6.31 -28.57
N HIS B 102 14.14 5.04 -28.76
CA HIS B 102 12.92 4.42 -28.29
C HIS B 102 12.79 4.12 -26.79
N LEU B 103 13.79 3.48 -26.18
CA LEU B 103 13.70 3.15 -24.77
C LEU B 103 14.84 3.75 -23.95
N VAL B 104 14.60 3.95 -22.66
CA VAL B 104 15.58 4.55 -21.77
C VAL B 104 15.45 3.96 -20.38
N LYS B 105 16.60 3.63 -19.79
CA LYS B 105 16.65 3.15 -18.42
C LYS B 105 17.53 4.18 -17.73
N ASN B 106 17.10 4.73 -16.59
CA ASN B 106 17.90 5.72 -15.89
C ASN B 106 17.30 6.10 -14.53
N GLY B 107 18.17 6.53 -13.63
CA GLY B 107 17.77 6.97 -12.29
C GLY B 107 17.84 8.47 -12.29
N TRP B 108 17.63 9.10 -11.14
CA TRP B 108 17.64 10.55 -11.04
C TRP B 108 18.27 10.95 -9.74
N ASP B 109 18.84 12.14 -9.72
CA ASP B 109 19.43 12.71 -8.51
C ASP B 109 18.75 14.05 -8.37
N VAL B 110 17.84 14.20 -7.41
CA VAL B 110 17.14 15.46 -7.28
C VAL B 110 17.38 16.17 -5.96
N VAL B 111 17.47 17.49 -6.01
CA VAL B 111 17.61 18.29 -4.79
C VAL B 111 16.51 19.35 -4.83
N VAL B 112 15.60 19.28 -3.88
CA VAL B 112 14.51 20.23 -3.78
C VAL B 112 14.91 21.20 -2.70
N GLN B 113 14.73 22.48 -2.97
CA GLN B 113 15.08 23.50 -2.03
C GLN B 113 13.96 24.46 -1.87
N VAL B 114 14.09 25.28 -0.85
CA VAL B 114 13.08 26.22 -0.51
C VAL B 114 13.82 27.48 -0.09
N ASN B 115 13.29 28.64 -0.45
CA ASN B 115 13.96 29.88 -0.05
C ASN B 115 13.08 30.63 0.94
N ALA B 116 13.32 30.42 2.24
CA ALA B 116 12.55 31.07 3.28
C ALA B 116 13.46 31.68 4.32
N SER B 117 12.94 32.66 5.06
CA SER B 117 13.70 33.34 6.12
C SER B 117 13.60 32.58 7.41
N PHE B 118 14.30 33.03 8.44
CA PHE B 118 14.22 32.34 9.72
C PHE B 118 13.01 32.76 10.57
N ALA B 119 12.12 33.53 9.96
CA ALA B 119 10.91 33.97 10.61
C ALA B 119 9.70 33.24 9.98
N HIS B 120 9.94 32.39 8.99
CA HIS B 120 8.88 31.65 8.32
C HIS B 120 8.69 30.30 9.04
N SER B 121 7.43 29.90 9.20
CA SER B 121 7.06 28.65 9.84
C SER B 121 6.40 27.78 8.80
N GLY B 122 6.50 26.47 8.94
CA GLY B 122 5.86 25.59 7.96
C GLY B 122 6.69 24.35 7.71
N ALA B 123 6.15 23.41 6.97
CA ALA B 123 6.87 22.20 6.70
C ALA B 123 6.26 21.47 5.54
N LEU B 124 7.12 20.86 4.74
CA LEU B 124 6.71 20.09 3.58
C LEU B 124 7.21 18.68 3.77
N CYS B 125 6.74 17.79 2.92
CA CYS B 125 7.18 16.42 2.93
C CYS B 125 7.47 16.22 1.47
N VAL B 126 8.70 16.00 1.09
CA VAL B 126 8.95 15.77 -0.32
C VAL B 126 9.33 14.31 -0.49
N ALA B 127 8.50 13.59 -1.26
CA ALA B 127 8.66 12.16 -1.48
C ALA B 127 8.93 11.78 -2.93
N ALA B 128 9.47 10.59 -3.13
CA ALA B 128 9.73 10.08 -4.47
C ALA B 128 8.81 8.89 -4.55
N VAL B 129 7.79 8.97 -5.40
CA VAL B 129 6.81 7.91 -5.51
C VAL B 129 6.90 7.10 -6.80
N PRO B 130 6.98 5.76 -6.70
CA PRO B 130 7.06 4.93 -7.91
C PRO B 130 5.63 4.80 -8.37
N GLU B 131 5.38 4.85 -9.67
CA GLU B 131 4.04 4.72 -10.21
C GLU B 131 2.99 5.59 -9.55
N TYR B 132 3.31 6.84 -9.33
CA TYR B 132 2.30 7.69 -8.73
C TYR B 132 1.14 7.88 -9.70
N GLU B 133 -0.07 7.88 -9.19
CA GLU B 133 -1.22 8.15 -10.03
C GLU B 133 -2.30 8.75 -9.16
N HIS B 134 -3.10 9.56 -9.82
CA HIS B 134 -4.21 10.30 -9.23
C HIS B 134 -4.47 11.13 -10.47
N THR B 135 -3.50 12.04 -10.70
CA THR B 135 -3.38 13.02 -11.81
C THR B 135 -4.47 13.24 -12.86
N HIS B 136 -5.67 12.65 -12.67
CA HIS B 136 -6.81 12.74 -13.60
C HIS B 136 -6.34 12.79 -15.09
N GLU B 137 -5.43 11.87 -15.44
CA GLU B 137 -4.80 11.81 -16.77
C GLU B 137 -4.11 13.08 -17.29
N LYS B 138 -3.87 14.09 -16.44
CA LYS B 138 -3.08 15.27 -16.89
C LYS B 138 -1.79 14.48 -16.70
N ALA B 139 -1.63 13.52 -17.59
CA ALA B 139 -0.56 12.61 -17.46
C ALA B 139 0.74 13.17 -17.88
N LEU B 140 1.67 12.96 -16.97
CA LEU B 140 3.03 13.34 -17.15
C LEU B 140 3.25 14.84 -17.27
N LYS B 141 2.42 15.61 -16.58
CA LYS B 141 2.51 17.05 -16.55
C LYS B 141 2.68 17.45 -15.10
N TRP B 142 3.65 18.33 -14.85
CA TRP B 142 3.86 18.85 -13.51
C TRP B 142 2.64 19.71 -13.20
N SER B 143 1.96 19.44 -12.09
CA SER B 143 0.77 20.20 -11.68
C SER B 143 0.68 20.36 -10.18
N GLU B 144 -0.50 20.73 -9.69
CA GLU B 144 -0.79 20.95 -8.27
C GLU B 144 -2.13 20.30 -8.01
N LEU B 145 -2.28 19.62 -6.88
CA LEU B 145 -3.53 18.95 -6.53
C LEU B 145 -3.67 18.99 -5.05
N GLU B 146 -4.79 18.48 -4.58
CA GLU B 146 -5.07 18.40 -3.17
C GLU B 146 -5.11 16.90 -2.87
N GLU B 147 -4.15 16.44 -2.07
CA GLU B 147 -4.05 15.02 -1.72
C GLU B 147 -5.17 14.69 -0.75
N PRO B 148 -5.63 13.44 -0.78
CA PRO B 148 -6.70 13.02 0.09
C PRO B 148 -6.47 12.52 1.49
N ALA B 149 -5.86 13.30 2.36
CA ALA B 149 -5.77 12.89 3.78
C ALA B 149 -5.04 11.61 4.13
N TYR B 150 -5.66 10.46 3.90
CA TYR B 150 -4.94 9.24 4.19
C TYR B 150 -3.66 9.27 3.34
N THR B 151 -3.65 10.02 2.22
CA THR B 151 -2.43 10.06 1.44
C THR B 151 -1.42 11.01 2.02
N TYR B 152 -1.83 12.22 2.38
CA TYR B 152 -0.83 13.10 2.96
C TYR B 152 -0.31 12.60 4.33
N GLN B 153 -1.20 11.92 5.07
CA GLN B 153 -0.83 11.40 6.36
C GLN B 153 0.21 10.31 6.16
N GLN B 154 0.01 9.48 5.15
CA GLN B 154 0.92 8.37 4.92
C GLN B 154 1.93 8.47 3.79
N LEU B 155 2.10 9.64 3.18
CA LEU B 155 3.04 9.80 2.10
C LEU B 155 4.45 9.45 2.55
N SER B 156 4.69 9.51 3.86
CA SER B 156 5.99 9.22 4.48
C SER B 156 6.37 7.75 4.35
N VAL B 157 5.43 6.96 3.87
CA VAL B 157 5.64 5.54 3.68
C VAL B 157 6.50 5.28 2.43
N PHE B 158 6.67 6.31 1.59
CA PHE B 158 7.46 6.22 0.38
C PHE B 158 8.78 6.88 0.71
N PRO B 159 9.85 6.61 -0.07
CA PRO B 159 11.13 7.25 0.23
C PRO B 159 10.89 8.77 0.24
N HIS B 160 11.33 9.46 1.28
CA HIS B 160 11.07 10.89 1.39
C HIS B 160 12.04 11.54 2.40
N GLN B 161 11.78 12.81 2.67
CA GLN B 161 12.52 13.60 3.64
C GLN B 161 11.58 14.75 4.02
N LEU B 162 11.57 15.13 5.29
CA LEU B 162 10.74 16.24 5.72
C LEU B 162 11.52 17.52 5.52
N LEU B 163 10.85 18.59 5.11
CA LEU B 163 11.52 19.87 4.94
C LEU B 163 10.84 20.84 5.92
N ASN B 164 11.32 20.84 7.15
CA ASN B 164 10.82 21.68 8.24
C ASN B 164 11.47 23.03 8.08
N LEU B 165 10.70 24.10 7.98
CA LEU B 165 11.28 25.44 7.81
C LEU B 165 12.10 26.00 8.99
N ARG B 166 12.02 25.37 10.17
CA ARG B 166 12.80 25.85 11.29
C ARG B 166 14.15 25.17 11.38
N THR B 167 14.33 24.09 10.63
CA THR B 167 15.58 23.35 10.67
C THR B 167 16.36 23.28 9.39
N ASN B 168 15.71 22.98 8.28
CA ASN B 168 16.45 22.85 7.02
C ASN B 168 15.79 23.53 5.85
N SER B 169 16.52 23.57 4.73
CA SER B 169 16.06 24.19 3.49
C SER B 169 16.16 23.30 2.26
N SER B 170 16.65 22.07 2.42
CA SER B 170 16.84 21.16 1.29
C SER B 170 16.46 19.73 1.57
N VAL B 171 16.20 19.00 0.49
CA VAL B 171 15.88 17.58 0.51
C VAL B 171 16.69 17.03 -0.66
N HIS B 172 17.34 15.89 -0.46
CA HIS B 172 18.15 15.28 -1.48
C HIS B 172 17.77 13.82 -1.61
N LEU B 173 17.24 13.44 -2.77
CA LEU B 173 16.79 12.09 -3.01
C LEU B 173 17.46 11.52 -4.24
N VAL B 174 17.92 10.30 -4.17
CA VAL B 174 18.55 9.66 -5.31
C VAL B 174 17.72 8.43 -5.60
N MET B 175 17.21 8.30 -6.83
CA MET B 175 16.38 7.14 -7.12
C MET B 175 16.89 6.28 -8.27
N PRO B 176 16.81 4.95 -8.10
CA PRO B 176 17.25 3.95 -9.06
C PRO B 176 16.19 3.79 -10.15
N TYR B 177 16.52 3.14 -11.27
CA TYR B 177 15.49 2.91 -12.29
C TYR B 177 14.51 1.93 -11.66
N ILE B 178 13.22 2.11 -11.91
CA ILE B 178 12.21 1.22 -11.38
C ILE B 178 11.09 1.11 -12.39
N GLY B 179 10.47 -0.06 -12.49
CA GLY B 179 9.37 -0.23 -13.42
C GLY B 179 9.00 -1.69 -13.54
N PRO B 180 7.87 -2.02 -14.18
CA PRO B 180 7.46 -3.41 -14.34
C PRO B 180 8.40 -4.21 -15.24
N GLY B 181 9.07 -3.54 -16.16
CA GLY B 181 10.01 -4.23 -17.02
C GLY B 181 11.36 -3.57 -16.87
N PRO B 182 12.47 -4.16 -17.39
CA PRO B 182 13.86 -3.67 -17.33
C PRO B 182 14.18 -2.30 -17.96
N THR B 183 13.21 -1.67 -18.62
CA THR B 183 13.40 -0.36 -19.27
C THR B 183 12.01 0.12 -19.70
N THR B 184 11.90 1.39 -20.11
CA THR B 184 10.63 1.96 -20.60
C THR B 184 10.81 2.98 -21.65
N ASN B 185 9.68 3.52 -22.06
CA ASN B 185 9.62 4.54 -23.07
C ASN B 185 9.16 5.75 -22.28
N LEU B 186 10.03 6.71 -22.08
CA LEU B 186 9.64 7.86 -21.27
C LEU B 186 8.46 8.69 -21.80
N THR B 187 8.10 8.47 -23.06
CA THR B 187 6.99 9.17 -23.67
C THR B 187 5.69 8.62 -23.10
N LEU B 188 5.66 7.35 -22.76
CA LEU B 188 4.47 6.72 -22.25
C LEU B 188 4.49 6.37 -20.79
N HIS B 189 5.63 6.48 -20.13
CA HIS B 189 5.69 6.10 -18.74
C HIS B 189 6.72 6.91 -17.97
N ASN B 190 6.36 7.35 -16.77
CA ASN B 190 7.25 8.11 -15.87
C ASN B 190 7.16 7.35 -14.56
N PRO B 191 8.11 6.43 -14.28
CA PRO B 191 8.09 5.64 -13.04
C PRO B 191 8.08 6.47 -11.80
N TRP B 192 9.05 7.37 -11.74
CA TRP B 192 9.23 8.25 -10.60
C TRP B 192 8.57 9.60 -10.74
N THR B 193 7.91 10.03 -9.69
CA THR B 193 7.28 11.33 -9.71
C THR B 193 7.54 11.89 -8.32
N ILE B 194 8.00 13.15 -8.28
CA ILE B 194 8.29 13.80 -7.01
C ILE B 194 7.14 14.61 -6.52
N VAL B 195 6.70 14.29 -5.31
CA VAL B 195 5.58 14.95 -4.66
C VAL B 195 6.07 15.84 -3.53
N ILE B 196 5.82 17.13 -3.63
CA ILE B 196 6.21 18.11 -2.62
C ILE B 196 4.90 18.49 -1.97
N LEU B 197 4.68 18.05 -0.74
CA LEU B 197 3.44 18.25 -0.03
C LEU B 197 3.48 19.06 1.24
N ILE B 198 2.49 19.95 1.38
CA ILE B 198 2.37 20.84 2.53
C ILE B 198 1.78 20.15 3.73
N LEU B 199 2.54 20.00 4.81
CA LEU B 199 2.02 19.38 6.01
C LEU B 199 1.63 20.46 7.02
N SER B 200 2.46 21.47 7.13
CA SER B 200 2.19 22.56 8.04
C SER B 200 2.25 23.83 7.20
N GLU B 201 1.13 24.53 7.13
CA GLU B 201 1.00 25.75 6.32
C GLU B 201 2.03 26.83 6.59
N LEU B 202 2.26 27.68 5.59
CA LEU B 202 3.23 28.76 5.71
C LEU B 202 2.67 29.93 6.51
N THR B 203 3.38 30.33 7.55
CA THR B 203 2.97 31.45 8.41
C THR B 203 4.25 32.28 8.59
N GLY B 204 4.13 33.50 9.10
CA GLY B 204 5.31 34.32 9.28
C GLY B 204 5.26 35.43 8.25
N PRO B 205 6.38 36.07 7.88
CA PRO B 205 6.40 37.15 6.90
C PRO B 205 5.50 36.90 5.69
N GLY B 206 4.78 37.93 5.27
CA GLY B 206 3.84 37.81 4.16
C GLY B 206 4.25 37.22 2.82
N GLN B 207 5.52 37.36 2.45
CA GLN B 207 5.99 36.84 1.15
C GLN B 207 5.95 35.32 1.00
N THR B 208 5.93 34.85 -0.23
CA THR B 208 5.87 33.42 -0.48
C THR B 208 7.24 32.77 -0.42
N VAL B 209 7.28 31.45 -0.37
CA VAL B 209 8.53 30.72 -0.32
C VAL B 209 8.72 29.96 -1.63
N PRO B 210 9.65 30.39 -2.50
CA PRO B 210 9.81 29.63 -3.74
C PRO B 210 10.39 28.24 -3.57
N VAL B 211 9.79 27.27 -4.25
CA VAL B 211 10.24 25.88 -4.22
C VAL B 211 11.06 25.68 -5.49
N THR B 212 12.27 25.15 -5.29
CA THR B 212 13.24 24.95 -6.34
C THR B 212 13.68 23.52 -6.49
N MET B 213 14.11 23.10 -7.68
CA MET B 213 14.51 21.70 -7.90
C MET B 213 15.56 21.46 -8.98
N SER B 214 16.61 20.71 -8.65
CA SER B 214 17.65 20.36 -9.62
C SER B 214 17.44 18.88 -9.94
N VAL B 215 17.48 18.49 -11.21
CA VAL B 215 17.25 17.10 -11.61
C VAL B 215 18.41 16.66 -12.47
N ALA B 216 19.00 15.53 -12.18
CA ALA B 216 20.10 15.06 -13.00
C ALA B 216 19.86 13.63 -13.31
N PRO B 217 19.77 13.27 -14.60
CA PRO B 217 19.55 11.89 -15.02
C PRO B 217 20.80 11.14 -14.60
N ILE B 218 20.65 9.91 -14.14
CA ILE B 218 21.79 9.13 -13.65
C ILE B 218 21.85 7.72 -14.23
N ASP B 219 23.01 7.32 -14.74
CA ASP B 219 23.18 6.01 -15.33
C ASP B 219 22.17 5.79 -16.44
N ALA B 220 22.02 6.78 -17.30
CA ALA B 220 21.09 6.69 -18.40
C ALA B 220 21.60 5.77 -19.52
N MET B 221 20.71 4.92 -20.04
CA MET B 221 21.03 3.98 -21.11
C MET B 221 19.92 4.08 -22.09
N VAL B 222 20.32 4.22 -23.34
CA VAL B 222 19.40 4.43 -24.41
C VAL B 222 19.41 3.31 -25.50
N ASN B 223 18.26 3.09 -26.13
CA ASN B 223 18.04 2.02 -27.10
C ASN B 223 17.40 2.41 -28.39
N GLY B 224 17.65 1.56 -29.39
CA GLY B 224 17.03 1.75 -30.69
C GLY B 224 16.73 3.14 -31.23
N PRO B 225 17.63 3.60 -32.09
CA PRO B 225 17.53 4.90 -32.73
C PRO B 225 16.32 4.97 -33.65
N LEU B 226 15.66 6.11 -33.63
CA LEU B 226 14.47 6.40 -34.43
C LEU B 226 14.89 7.08 -35.72
N PRO B 227 13.99 7.12 -36.73
CA PRO B 227 14.24 7.73 -38.02
C PRO B 227 14.59 9.18 -37.98
N ASN B 228 14.98 9.70 -39.14
CA ASN B 228 15.30 11.10 -39.28
C ASN B 228 13.96 11.84 -39.35
N PRO B 229 13.89 13.01 -38.73
CA PRO B 229 12.65 13.77 -38.72
C PRO B 229 12.25 14.59 -39.96
N GLU B 230 12.15 13.94 -41.12
CA GLU B 230 11.73 14.65 -42.34
C GLU B 230 10.21 14.60 -42.60
N ALA C 1 -5.67 -55.92 -2.55
CA ALA C 1 -4.89 -54.76 -2.98
C ALA C 1 -5.58 -53.41 -2.84
N PRO C 2 -6.92 -53.31 -3.00
CA PRO C 2 -7.45 -51.95 -2.81
C PRO C 2 -7.39 -51.60 -1.33
N ILE C 3 -6.93 -50.39 -1.04
CA ILE C 3 -6.72 -49.91 0.32
C ILE C 3 -8.00 -49.54 1.08
N ARG C 4 -8.19 -50.09 2.28
CA ARG C 4 -9.38 -49.82 3.08
C ARG C 4 -9.30 -48.42 3.59
N VAL C 5 -10.28 -47.62 3.19
CA VAL C 5 -10.32 -46.22 3.52
C VAL C 5 -11.67 -45.83 4.14
N VAL C 6 -11.70 -44.93 5.12
CA VAL C 6 -12.96 -44.51 5.76
C VAL C 6 -13.16 -43.00 5.56
N SER C 7 -14.26 -42.63 4.92
CA SER C 7 -14.53 -41.24 4.64
C SER C 7 -15.05 -40.49 5.84
N VAL C 8 -14.28 -39.52 6.24
CA VAL C 8 -14.55 -38.66 7.36
C VAL C 8 -15.90 -37.92 7.14
N PRO C 9 -16.64 -37.58 8.21
CA PRO C 9 -17.90 -36.91 7.91
C PRO C 9 -17.83 -35.55 7.27
N GLU C 10 -16.80 -34.78 7.56
CA GLU C 10 -16.61 -33.44 7.00
C GLU C 10 -16.16 -33.53 5.56
N SER C 11 -16.36 -34.72 4.97
CA SER C 11 -15.92 -35.03 3.64
C SER C 11 -16.00 -34.07 2.56
N ASP C 12 -17.09 -33.99 1.83
CA ASP C 12 -16.98 -33.10 0.68
C ASP C 12 -17.03 -31.57 0.84
N SER C 13 -16.75 -31.07 2.05
CA SER C 13 -16.80 -29.63 2.38
C SER C 13 -15.70 -28.75 1.83
N PHE C 14 -15.91 -27.45 1.89
CA PHE C 14 -14.96 -26.49 1.39
C PHE C 14 -13.77 -26.05 2.27
N MET C 15 -14.02 -25.48 3.44
CA MET C 15 -12.86 -25.03 4.27
C MET C 15 -11.83 -24.23 3.47
N SER C 16 -12.04 -22.92 3.53
CA SER C 16 -11.29 -21.91 2.81
C SER C 16 -9.79 -21.77 3.02
N SER C 17 -9.33 -21.95 4.25
CA SER C 17 -7.94 -21.78 4.55
C SER C 17 -7.15 -23.06 4.79
N VAL C 18 -7.54 -24.16 4.15
CA VAL C 18 -6.80 -25.42 4.33
C VAL C 18 -5.32 -25.23 4.09
N PRO C 19 -4.46 -25.85 4.91
CA PRO C 19 -3.02 -25.69 4.69
C PRO C 19 -2.51 -26.61 3.57
N ASP C 20 -3.08 -26.53 2.38
CA ASP C 20 -2.67 -27.41 1.31
C ASP C 20 -3.08 -26.85 -0.03
N ASN C 21 -2.35 -27.25 -1.07
CA ASN C 21 -2.62 -26.74 -2.41
C ASN C 21 -3.52 -27.58 -3.30
N SER C 22 -4.07 -26.95 -4.34
CA SER C 22 -4.93 -27.60 -5.30
C SER C 22 -4.05 -28.28 -6.36
N THR C 23 -4.68 -29.04 -7.21
CA THR C 23 -3.94 -29.76 -8.22
C THR C 23 -3.52 -28.84 -9.39
N PRO C 24 -2.25 -28.87 -9.83
CA PRO C 24 -1.78 -28.02 -10.92
C PRO C 24 -2.11 -28.51 -12.31
N LEU C 25 -2.59 -27.62 -13.17
CA LEU C 25 -2.97 -28.01 -14.50
C LEU C 25 -2.16 -27.35 -15.61
N TYR C 26 -1.24 -26.47 -15.28
CA TYR C 26 -0.44 -25.82 -16.32
C TYR C 26 1.00 -25.76 -15.83
N PRO C 27 1.69 -26.91 -15.84
CA PRO C 27 3.07 -27.06 -15.40
C PRO C 27 4.13 -26.37 -16.19
N LYS C 28 5.33 -26.53 -15.63
CA LYS C 28 6.59 -26.07 -16.15
C LYS C 28 6.78 -24.64 -16.66
N VAL C 29 6.20 -23.67 -15.97
CA VAL C 29 6.38 -22.28 -16.42
C VAL C 29 7.51 -21.60 -15.64
N VAL C 30 8.62 -21.29 -16.31
CA VAL C 30 9.71 -20.60 -15.64
C VAL C 30 9.41 -19.13 -15.85
N VAL C 31 9.36 -18.45 -14.70
CA VAL C 31 9.06 -17.05 -14.57
C VAL C 31 10.30 -16.15 -14.74
N PRO C 32 10.17 -14.98 -15.43
CA PRO C 32 11.32 -14.10 -15.62
C PRO C 32 11.87 -13.54 -14.33
N PRO C 33 13.19 -13.31 -14.29
CA PRO C 33 13.86 -12.76 -13.10
C PRO C 33 13.29 -11.42 -12.75
N ARG C 34 12.88 -11.31 -11.51
CA ARG C 34 12.31 -10.07 -11.09
C ARG C 34 13.25 -9.35 -10.16
N GLN C 35 14.10 -8.52 -10.77
CA GLN C 35 15.04 -7.71 -10.03
C GLN C 35 14.21 -6.75 -9.19
N VAL C 36 13.85 -5.58 -9.67
CA VAL C 36 13.00 -4.66 -8.85
C VAL C 36 13.25 -4.44 -7.32
N PRO C 37 13.64 -3.21 -6.96
CA PRO C 37 13.93 -2.77 -5.60
C PRO C 37 12.73 -2.68 -4.66
N GLY C 38 13.00 -2.69 -3.37
CA GLY C 38 11.95 -2.50 -2.40
C GLY C 38 10.96 -3.55 -2.09
N ARG C 39 11.35 -4.81 -2.17
CA ARG C 39 10.46 -5.89 -1.82
C ARG C 39 10.32 -5.90 -0.32
N PHE C 40 9.13 -6.17 0.19
CA PHE C 40 8.93 -6.29 1.62
C PHE C 40 8.26 -7.63 1.92
N THR C 41 8.65 -8.26 3.01
CA THR C 41 8.08 -9.55 3.32
C THR C 41 7.14 -9.60 4.48
N ASN C 42 7.15 -8.58 5.32
CA ASN C 42 6.29 -8.58 6.48
C ASN C 42 5.78 -7.19 6.72
N PHE C 43 4.48 -7.03 6.85
CA PHE C 43 3.93 -5.72 7.08
C PHE C 43 4.40 -5.03 8.36
N ILE C 44 4.78 -5.80 9.37
CA ILE C 44 5.21 -5.19 10.62
C ILE C 44 6.50 -4.39 10.47
N ASP C 45 7.33 -4.80 9.52
CA ASP C 45 8.59 -4.10 9.26
C ASP C 45 8.33 -2.74 8.65
N VAL C 46 7.41 -2.65 7.69
CA VAL C 46 7.16 -1.35 7.13
C VAL C 46 6.43 -0.48 8.14
N ALA C 47 5.75 -1.10 9.10
CA ALA C 47 5.04 -0.32 10.11
C ALA C 47 5.99 0.27 11.12
N LYS C 48 7.08 -0.44 11.38
CA LYS C 48 8.14 -0.04 12.32
C LYS C 48 9.15 0.91 11.70
N GLN C 49 9.47 0.74 10.42
CA GLN C 49 10.47 1.60 9.76
C GLN C 49 9.91 2.82 9.09
N THR C 50 8.66 3.10 9.35
CA THR C 50 7.95 4.17 8.69
C THR C 50 7.07 4.92 9.67
N TYR C 51 6.82 6.21 9.40
CA TYR C 51 5.93 6.99 10.24
C TYR C 51 4.79 7.64 9.41
N SER C 52 3.65 7.87 10.05
CA SER C 52 2.49 8.49 9.40
C SER C 52 2.15 9.64 10.31
N PHE C 53 1.37 10.59 9.81
CA PHE C 53 0.94 11.69 10.65
C PHE C 53 -0.43 11.42 11.18
N CYS C 54 -0.65 11.84 12.42
CA CYS C 54 -1.92 11.68 13.07
C CYS C 54 -2.96 12.61 12.48
N SER C 55 -4.19 12.46 12.95
CA SER C 55 -5.28 13.26 12.44
C SER C 55 -5.85 14.01 13.62
N ILE C 56 -5.26 15.16 13.96
CA ILE C 56 -5.75 15.96 15.09
C ILE C 56 -6.72 16.95 14.47
N SER C 57 -8.01 16.75 14.70
CA SER C 57 -9.05 17.61 14.14
C SER C 57 -8.98 17.73 12.64
N GLY C 58 -8.51 16.67 11.97
CA GLY C 58 -8.41 16.70 10.53
C GLY C 58 -7.10 17.25 9.97
N LYS C 59 -6.21 17.76 10.83
CA LYS C 59 -4.93 18.27 10.38
C LYS C 59 -3.85 17.37 10.97
N PRO C 60 -2.64 17.32 10.38
CA PRO C 60 -1.63 16.45 10.97
C PRO C 60 -0.82 17.08 12.11
N TYR C 61 -1.41 17.97 12.88
CA TYR C 61 -0.66 18.66 13.92
C TYR C 61 -1.54 19.39 14.92
N PHE C 62 -0.99 19.76 16.07
CA PHE C 62 -1.72 20.57 17.04
C PHE C 62 -1.01 21.95 17.09
N GLU C 63 -1.66 22.99 17.62
CA GLU C 63 -1.00 24.31 17.66
C GLU C 63 -0.77 24.83 19.07
N VAL C 64 0.27 25.64 19.23
CA VAL C 64 0.53 26.31 20.51
C VAL C 64 0.38 27.75 20.06
N THR C 65 -0.11 28.61 20.93
CA THR C 65 -0.23 30.02 20.59
C THR C 65 0.40 30.76 21.75
N ASN C 66 0.44 32.07 21.67
CA ASN C 66 1.03 32.87 22.74
C ASN C 66 0.09 32.95 23.95
N THR C 67 -0.99 32.18 23.93
CA THR C 67 -1.99 32.17 25.00
C THR C 67 -2.31 30.71 25.31
N SER C 68 -1.60 30.01 26.19
CA SER C 68 -1.97 28.62 26.31
C SER C 68 -2.15 27.96 27.69
N GLY C 69 -1.04 27.71 28.35
CA GLY C 69 -1.13 27.06 29.65
C GLY C 69 -1.92 25.75 29.81
N ASP C 70 -2.46 25.65 31.01
CA ASP C 70 -3.21 24.54 31.56
C ASP C 70 -3.75 23.36 30.84
N GLU C 71 -4.76 23.62 30.05
CA GLU C 71 -5.50 22.64 29.28
C GLU C 71 -4.64 21.82 28.33
N PRO C 72 -5.05 20.58 28.05
CA PRO C 72 -4.28 19.74 27.13
C PRO C 72 -4.46 20.18 25.68
N LEU C 73 -3.36 20.24 24.93
CA LEU C 73 -3.37 20.66 23.53
C LEU C 73 -3.73 19.50 22.59
N PHE C 74 -3.36 18.30 23.03
CA PHE C 74 -3.56 17.06 22.31
C PHE C 74 -3.93 16.02 23.33
N GLN C 75 -4.94 15.23 23.03
CA GLN C 75 -5.35 14.15 23.91
C GLN C 75 -5.94 13.05 23.05
N MET C 76 -5.50 11.81 23.26
CA MET C 76 -6.03 10.67 22.48
C MET C 76 -6.04 9.44 23.36
N ASP C 77 -7.11 8.63 23.32
CA ASP C 77 -7.01 7.47 24.17
C ASP C 77 -6.21 6.38 23.50
N VAL C 78 -5.40 5.71 24.31
CA VAL C 78 -4.54 4.66 23.79
C VAL C 78 -5.34 3.43 23.35
N SER C 79 -5.68 3.42 22.08
CA SER C 79 -6.42 2.33 21.46
C SER C 79 -6.20 2.54 19.99
N LEU C 80 -6.02 1.48 19.24
CA LEU C 80 -5.81 1.66 17.83
C LEU C 80 -7.07 2.20 17.17
N SER C 81 -8.20 2.13 17.87
CA SER C 81 -9.44 2.66 17.32
C SER C 81 -9.60 4.15 17.58
N ALA C 82 -8.59 4.78 18.21
CA ALA C 82 -8.64 6.19 18.54
C ALA C 82 -8.82 7.01 17.28
N ALA C 83 -9.40 8.19 17.43
CA ALA C 83 -9.64 9.05 16.29
C ALA C 83 -8.37 9.62 15.71
N GLU C 84 -7.50 10.16 16.56
CA GLU C 84 -6.29 10.78 16.05
C GLU C 84 -5.33 9.83 15.41
N LEU C 85 -5.57 8.53 15.54
CA LEU C 85 -4.71 7.54 14.90
C LEU C 85 -5.35 7.15 13.58
N HIS C 86 -6.45 7.79 13.23
CA HIS C 86 -7.19 7.46 12.02
C HIS C 86 -6.48 7.30 10.69
N GLY C 87 -5.93 8.36 10.15
CA GLY C 87 -5.32 8.11 8.84
C GLY C 87 -3.99 7.38 8.82
N THR C 88 -3.47 6.96 9.95
CA THR C 88 -2.14 6.35 10.00
C THR C 88 -1.94 4.96 9.40
N TYR C 89 -0.69 4.64 9.08
CA TYR C 89 -0.37 3.33 8.51
C TYR C 89 -0.62 2.28 9.60
N VAL C 90 -0.06 2.48 10.78
CA VAL C 90 -0.21 1.51 11.85
C VAL C 90 -1.69 1.22 12.19
N ALA C 91 -2.51 2.26 12.30
CA ALA C 91 -3.91 2.05 12.62
C ALA C 91 -4.56 1.27 11.50
N SER C 92 -4.38 1.70 10.25
CA SER C 92 -4.97 1.04 9.09
C SER C 92 -4.53 -0.39 8.85
N LEU C 93 -3.26 -0.70 9.10
CA LEU C 93 -2.73 -2.04 8.97
C LEU C 93 -3.44 -2.90 10.01
N SER C 94 -3.61 -2.37 11.21
CA SER C 94 -4.26 -3.05 12.31
C SER C 94 -5.63 -3.58 12.04
N SER C 95 -6.44 -2.90 11.24
CA SER C 95 -7.79 -3.37 10.98
C SER C 95 -7.83 -4.77 10.34
N PHE C 96 -6.68 -5.27 9.91
CA PHE C 96 -6.63 -6.59 9.33
C PHE C 96 -6.51 -7.61 10.41
N PHE C 97 -6.26 -7.19 11.65
CA PHE C 97 -6.04 -8.13 12.74
C PHE C 97 -6.92 -7.87 13.93
N ALA C 98 -7.07 -8.89 14.77
CA ALA C 98 -7.91 -8.81 15.96
C ALA C 98 -7.21 -8.29 17.20
N GLN C 99 -5.93 -8.64 17.36
CA GLN C 99 -5.13 -8.25 18.53
C GLN C 99 -3.75 -7.67 18.24
N TYR C 100 -3.29 -6.83 19.16
CA TYR C 100 -2.00 -6.18 19.05
C TYR C 100 -1.27 -6.28 20.37
N ARG C 101 0.04 -6.04 20.35
CA ARG C 101 0.87 -6.10 21.55
C ARG C 101 2.02 -5.15 21.34
N GLY C 102 2.46 -4.48 22.38
CA GLY C 102 3.59 -3.59 22.21
C GLY C 102 3.36 -2.11 22.33
N SER C 103 4.41 -1.35 22.07
CA SER C 103 4.38 0.09 22.19
C SER C 103 4.26 0.83 20.90
N LEU C 104 3.88 2.09 21.01
CA LEU C 104 3.75 2.97 19.87
C LEU C 104 4.75 4.10 20.12
N ASN C 105 5.41 4.54 19.07
CA ASN C 105 6.36 5.62 19.18
C ASN C 105 5.78 6.84 18.50
N PHE C 106 5.68 7.93 19.24
CA PHE C 106 5.17 9.17 18.70
C PHE C 106 6.25 10.19 18.58
N ASN C 107 6.41 10.83 17.42
CA ASN C 107 7.35 11.92 17.47
C ASN C 107 6.82 13.20 16.96
N PHE C 108 7.00 14.20 17.81
CA PHE C 108 6.52 15.52 17.60
C PHE C 108 7.59 16.34 16.94
N ILE C 109 7.19 17.10 15.93
CA ILE C 109 8.12 17.94 15.20
C ILE C 109 7.57 19.36 15.25
N PHE C 110 8.33 20.25 15.89
CA PHE C 110 7.91 21.62 16.01
C PHE C 110 8.25 22.33 14.72
N THR C 111 7.26 22.86 14.02
CA THR C 111 7.51 23.55 12.77
C THR C 111 7.35 25.06 12.86
N GLY C 112 7.35 25.56 14.09
CA GLY C 112 7.23 26.99 14.27
C GLY C 112 8.56 27.54 13.80
N ALA C 113 8.60 28.81 13.42
CA ALA C 113 9.82 29.43 12.93
C ALA C 113 10.99 29.33 13.89
N ALA C 114 12.18 29.62 13.39
CA ALA C 114 13.38 29.59 14.21
C ALA C 114 13.38 30.69 15.28
N ALA C 115 12.60 31.73 15.04
CA ALA C 115 12.46 32.85 15.94
C ALA C 115 11.41 32.58 17.01
N THR C 116 10.92 31.35 17.07
CA THR C 116 9.84 30.94 17.94
C THR C 116 10.29 29.87 18.94
N LYS C 117 9.66 29.76 20.12
CA LYS C 117 10.09 28.77 21.14
C LYS C 117 8.93 28.49 22.07
N ALA C 118 8.88 27.29 22.63
CA ALA C 118 7.82 26.92 23.55
C ALA C 118 8.26 25.64 24.22
N LYS C 119 7.64 25.26 25.33
CA LYS C 119 8.03 24.03 26.00
C LYS C 119 6.80 23.20 26.23
N PHE C 120 6.91 21.89 26.01
CA PHE C 120 5.78 20.98 26.16
C PHE C 120 6.02 19.93 27.21
N LEU C 121 4.94 19.44 27.80
CA LEU C 121 5.05 18.40 28.78
C LEU C 121 4.17 17.33 28.19
N VAL C 122 4.73 16.15 27.92
CA VAL C 122 3.92 15.07 27.33
C VAL C 122 3.79 13.94 28.32
N ALA C 123 2.56 13.53 28.61
CA ALA C 123 2.32 12.52 29.62
C ALA C 123 1.56 11.32 29.14
N PHE C 124 1.89 10.16 29.70
CA PHE C 124 1.16 8.93 29.42
C PHE C 124 0.35 8.68 30.69
N VAL C 125 -0.97 8.83 30.62
CA VAL C 125 -1.86 8.65 31.77
C VAL C 125 -2.53 7.26 31.73
N PRO C 126 -2.32 6.39 32.74
CA PRO C 126 -2.94 5.06 32.73
C PRO C 126 -4.44 5.10 32.94
N PRO C 127 -5.16 4.01 32.61
CA PRO C 127 -6.63 3.97 32.78
C PRO C 127 -7.04 4.49 34.15
N HIS C 128 -8.07 5.33 34.16
CA HIS C 128 -8.48 5.97 35.41
C HIS C 128 -9.91 6.47 35.34
N SER C 129 -10.44 6.89 36.46
CA SER C 129 -11.80 7.39 36.48
C SER C 129 -12.10 8.31 35.31
N ALA C 130 -11.23 9.31 35.15
CA ALA C 130 -11.52 10.26 34.11
C ALA C 130 -10.59 11.21 33.36
N ALA C 131 -9.28 10.96 33.27
CA ALA C 131 -8.43 11.91 32.48
C ALA C 131 -8.25 13.26 33.08
N PRO C 132 -7.00 13.64 33.29
CA PRO C 132 -6.68 14.91 33.87
C PRO C 132 -7.07 16.10 32.97
N LYS C 133 -7.45 17.19 33.61
CA LYS C 133 -7.87 18.38 32.88
C LYS C 133 -6.81 19.48 32.82
N THR C 134 -5.83 19.44 33.73
CA THR C 134 -4.77 20.44 33.77
C THR C 134 -3.42 19.76 33.86
N ARG C 135 -2.32 20.44 33.49
CA ARG C 135 -1.06 19.73 33.63
C ARG C 135 -0.52 19.45 34.98
N ASP C 136 -0.86 20.28 35.97
CA ASP C 136 -0.37 20.03 37.33
C ASP C 136 -0.91 18.65 37.82
N GLU C 137 -2.04 18.24 37.25
CA GLU C 137 -2.68 16.95 37.57
C GLU C 137 -1.97 15.80 36.89
N ALA C 138 -1.64 15.98 35.63
CA ALA C 138 -1.03 14.93 34.85
C ALA C 138 0.41 14.72 35.14
N MET C 139 1.07 15.77 35.55
CA MET C 139 2.48 15.69 35.83
C MET C 139 2.88 14.70 36.92
N ALA C 140 1.90 14.09 37.57
CA ALA C 140 2.19 13.09 38.59
C ALA C 140 2.54 11.77 37.92
N CYS C 141 2.13 11.64 36.65
CA CYS C 141 2.33 10.48 35.79
C CYS C 141 3.63 10.47 35.06
N ILE C 142 3.80 9.45 34.23
CA ILE C 142 5.00 9.32 33.42
C ILE C 142 4.96 10.47 32.46
N HIS C 143 5.99 11.31 32.43
CA HIS C 143 6.00 12.44 31.53
C HIS C 143 7.42 12.88 31.15
N ALA C 144 7.51 13.68 30.11
CA ALA C 144 8.82 14.16 29.67
C ALA C 144 8.68 15.63 29.36
N VAL C 145 9.75 16.38 29.61
CA VAL C 145 9.69 17.80 29.31
C VAL C 145 10.42 18.06 27.99
N TRP C 146 9.69 18.58 27.02
CA TRP C 146 10.27 18.88 25.74
C TRP C 146 10.50 20.37 25.61
N ASP C 147 11.76 20.78 25.59
CA ASP C 147 12.07 22.18 25.40
C ASP C 147 12.47 22.24 23.95
N VAL C 148 11.68 22.93 23.13
CA VAL C 148 11.99 23.11 21.72
C VAL C 148 13.22 24.01 21.81
N GLY C 149 13.95 24.26 20.75
CA GLY C 149 15.09 25.11 21.03
C GLY C 149 16.22 24.37 21.76
N LEU C 150 16.06 23.06 21.94
CA LEU C 150 17.07 22.17 22.49
C LEU C 150 17.12 21.12 21.37
N ASN C 151 15.96 20.59 21.00
CA ASN C 151 15.77 19.64 19.88
C ASN C 151 14.42 20.08 19.33
N SER C 152 14.30 20.18 18.02
CA SER C 152 13.05 20.59 17.37
C SER C 152 12.07 19.43 17.23
N ALA C 153 12.57 18.22 17.43
CA ALA C 153 11.78 17.01 17.32
C ALA C 153 11.95 16.27 18.62
N PHE C 154 10.93 15.51 19.02
CA PHE C 154 10.98 14.78 20.27
C PHE C 154 10.21 13.49 20.14
N SER C 155 10.82 12.38 20.51
CA SER C 155 10.18 11.09 20.42
C SER C 155 9.71 10.67 21.81
N PHE C 156 8.50 10.12 21.91
CA PHE C 156 7.93 9.67 23.19
C PHE C 156 7.33 8.29 22.93
N ASN C 157 7.59 7.33 23.79
CA ASN C 157 7.07 5.98 23.62
C ASN C 157 5.88 5.75 24.56
N VAL C 158 4.72 5.40 24.00
CA VAL C 158 3.55 5.09 24.80
C VAL C 158 3.77 3.62 25.13
N PRO C 159 3.93 3.25 26.41
CA PRO C 159 4.15 1.84 26.72
C PRO C 159 2.94 0.90 26.67
N TYR C 160 3.22 -0.38 26.79
CA TYR C 160 2.16 -1.38 26.83
C TYR C 160 2.03 -1.76 28.32
N SER C 161 0.89 -1.49 28.94
CA SER C 161 0.71 -1.85 30.36
C SER C 161 -0.63 -2.51 30.50
N SER C 162 -0.60 -3.80 30.72
CA SER C 162 -1.84 -4.53 30.84
C SER C 162 -1.66 -5.90 31.44
N PRO C 163 -2.70 -6.41 32.08
CA PRO C 163 -2.57 -7.75 32.65
C PRO C 163 -2.69 -8.81 31.52
N ALA C 164 -3.20 -8.43 30.36
CA ALA C 164 -3.36 -9.34 29.23
C ALA C 164 -2.15 -9.25 28.34
N ASP C 165 -1.80 -10.35 27.68
CA ASP C 165 -0.65 -10.37 26.78
C ASP C 165 -0.88 -9.64 25.46
N PHE C 166 -2.15 -9.39 25.12
CA PHE C 166 -2.50 -8.69 23.89
C PHE C 166 -3.74 -7.92 24.19
N MET C 167 -4.00 -6.86 23.44
CA MET C 167 -5.20 -6.10 23.65
C MET C 167 -5.96 -6.08 22.35
N ALA C 168 -7.18 -5.60 22.38
CA ALA C 168 -7.99 -5.55 21.21
C ALA C 168 -7.71 -4.38 20.29
N VAL C 169 -7.75 -4.69 18.99
CA VAL C 169 -7.55 -3.70 17.95
C VAL C 169 -8.88 -2.94 17.84
N TYR C 170 -9.97 -3.69 17.78
CA TYR C 170 -11.32 -3.13 17.67
C TYR C 170 -11.91 -2.83 19.04
N SER C 171 -11.87 -1.55 19.42
CA SER C 171 -12.39 -1.15 20.70
C SER C 171 -13.90 -1.07 20.73
N ALA C 172 -14.44 -0.71 21.89
CA ALA C 172 -15.89 -0.62 22.09
C ALA C 172 -16.08 0.00 23.47
N GLU C 173 -17.26 -0.17 24.09
CA GLU C 173 -17.46 0.41 25.45
C GLU C 173 -16.34 -0.17 26.29
N ALA C 174 -15.67 0.70 27.05
CA ALA C 174 -14.52 0.32 27.87
C ALA C 174 -14.53 -0.97 28.62
N THR C 175 -13.54 -1.80 28.28
CA THR C 175 -13.31 -3.12 28.84
C THR C 175 -11.85 -3.14 29.34
N VAL C 176 -11.46 -4.21 30.00
CA VAL C 176 -10.10 -4.30 30.52
C VAL C 176 -8.98 -4.55 29.48
N VAL C 177 -9.39 -4.93 28.25
CA VAL C 177 -8.50 -5.22 27.12
C VAL C 177 -8.84 -4.34 25.90
N ASN C 178 -9.55 -3.23 26.13
CA ASN C 178 -10.01 -2.29 25.10
C ASN C 178 -9.18 -1.05 24.92
N VAL C 179 -8.90 -0.46 26.08
CA VAL C 179 -8.16 0.78 26.25
C VAL C 179 -7.07 0.62 27.26
N SER C 180 -5.97 1.34 27.00
CA SER C 180 -4.76 1.33 27.81
C SER C 180 -4.47 2.69 28.46
N GLY C 181 -5.39 3.65 28.40
CA GLY C 181 -5.14 4.97 29.01
C GLY C 181 -5.21 6.13 28.04
N TRP C 182 -4.46 7.21 28.27
CA TRP C 182 -4.46 8.37 27.37
C TRP C 182 -3.06 8.91 27.16
N LEU C 183 -2.85 9.58 26.03
CA LEU C 183 -1.59 10.24 25.70
C LEU C 183 -2.01 11.70 25.67
N GLN C 184 -1.36 12.58 26.43
CA GLN C 184 -1.70 14.00 26.40
C GLN C 184 -0.45 14.86 26.23
N VAL C 185 -0.60 16.05 25.66
CA VAL C 185 0.51 16.99 25.46
C VAL C 185 0.01 18.34 25.96
N TYR C 186 0.77 18.95 26.83
CA TYR C 186 0.39 20.24 27.40
C TYR C 186 1.43 21.26 27.05
N ALA C 187 1.08 22.53 27.18
CA ALA C 187 2.06 23.55 26.90
C ALA C 187 2.62 23.93 28.26
N LEU C 188 3.92 23.73 28.47
CA LEU C 188 4.56 24.11 29.72
C LEU C 188 4.66 25.61 29.71
N THR C 189 4.84 26.18 28.53
CA THR C 189 4.89 27.64 28.35
C THR C 189 4.22 27.92 27.03
N ALA C 190 3.67 29.12 26.91
CA ALA C 190 3.03 29.49 25.66
C ALA C 190 4.13 29.85 24.66
N LEU C 191 3.75 29.94 23.40
CA LEU C 191 4.67 30.29 22.33
C LEU C 191 5.21 31.71 22.56
N THR C 192 6.53 31.87 22.46
CA THR C 192 7.18 33.17 22.57
C THR C 192 7.72 33.37 21.18
N SER C 193 7.82 34.62 20.75
CA SER C 193 8.27 34.92 19.43
C SER C 193 9.01 36.23 19.53
N THR C 194 9.75 36.52 18.48
CA THR C 194 10.54 37.73 18.33
C THR C 194 9.63 38.94 18.04
N ASP C 195 8.45 38.66 17.50
CA ASP C 195 7.43 39.66 17.16
C ASP C 195 6.14 38.86 17.12
N ILE C 196 5.22 39.14 18.04
CA ILE C 196 3.97 38.39 18.10
C ILE C 196 3.04 38.68 16.92
N ALA C 197 3.30 39.77 16.24
CA ALA C 197 2.49 40.14 15.09
C ALA C 197 2.91 39.28 13.89
N VAL C 198 4.16 38.85 13.85
CA VAL C 198 4.62 38.03 12.75
C VAL C 198 4.39 36.54 13.05
N ASN C 199 4.79 36.09 14.23
CA ASN C 199 4.57 34.70 14.64
C ASN C 199 3.83 34.65 15.96
N SER C 200 2.57 34.24 15.86
CA SER C 200 1.69 34.21 16.99
C SER C 200 1.39 32.77 17.40
N LYS C 201 1.61 31.84 16.48
CA LYS C 201 1.36 30.42 16.72
C LYS C 201 2.36 29.56 15.96
N GLY C 202 2.55 28.35 16.47
CA GLY C 202 3.46 27.38 15.88
C GLY C 202 2.80 26.01 15.92
N ARG C 203 3.03 25.20 14.88
CA ARG C 203 2.41 23.89 14.81
C ARG C 203 3.32 22.70 15.04
N VAL C 204 2.87 21.76 15.87
CA VAL C 204 3.67 20.60 16.15
C VAL C 204 3.09 19.43 15.39
N LEU C 205 3.83 18.88 14.45
CA LEU C 205 3.34 17.74 13.68
C LEU C 205 3.46 16.51 14.57
N VAL C 206 2.48 15.62 14.56
CA VAL C 206 2.64 14.43 15.39
C VAL C 206 2.55 13.20 14.50
N ALA C 207 3.62 12.38 14.53
CA ALA C 207 3.76 11.16 13.74
C ALA C 207 3.84 9.92 14.62
N VAL C 208 3.38 8.77 14.11
CA VAL C 208 3.39 7.51 14.84
C VAL C 208 4.08 6.44 14.04
N SER C 209 4.75 5.58 14.78
CA SER C 209 5.48 4.42 14.26
C SER C 209 5.14 3.28 15.18
N ALA C 210 5.32 2.06 14.70
CA ALA C 210 5.09 0.92 15.56
C ALA C 210 6.36 0.87 16.40
N GLY C 211 6.22 0.57 17.69
CA GLY C 211 7.39 0.46 18.55
C GLY C 211 8.20 -0.80 18.24
N PRO C 212 9.38 -0.97 18.86
CA PRO C 212 10.20 -2.16 18.59
C PRO C 212 9.55 -3.46 19.02
N ASP C 213 8.72 -3.41 20.06
CA ASP C 213 8.05 -4.60 20.55
C ASP C 213 6.62 -4.80 20.05
N PHE C 214 6.21 -3.97 19.10
CA PHE C 214 4.87 -4.02 18.52
C PHE C 214 4.68 -5.22 17.63
N SER C 215 3.48 -5.78 17.71
CA SER C 215 3.09 -6.94 16.94
C SER C 215 1.57 -7.01 16.74
N LEU C 216 1.17 -7.75 15.71
CA LEU C 216 -0.23 -7.91 15.35
C LEU C 216 -0.48 -9.40 15.07
N ARG C 217 -1.58 -9.93 15.57
CA ARG C 217 -1.95 -11.31 15.30
C ARG C 217 -3.41 -11.44 15.00
N HIS C 218 -3.78 -12.61 14.50
CA HIS C 218 -5.14 -12.98 14.14
C HIS C 218 -5.77 -12.23 12.98
N PRO C 219 -5.46 -12.63 11.73
CA PRO C 219 -6.08 -11.89 10.63
C PRO C 219 -7.59 -12.05 10.65
N VAL C 220 -8.29 -10.94 10.42
CA VAL C 220 -9.73 -10.91 10.45
C VAL C 220 -10.34 -10.27 9.21
N ASP C 221 -11.54 -10.71 8.89
CA ASP C 221 -12.28 -10.18 7.76
C ASP C 221 -12.98 -8.88 8.11
N LEU C 222 -13.08 -7.98 7.13
CA LEU C 222 -13.70 -6.67 7.33
C LEU C 222 -15.19 -6.75 7.57
N PRO C 223 -15.68 -6.09 8.64
CA PRO C 223 -17.09 -6.05 9.01
C PRO C 223 -17.79 -4.89 8.25
N ASP C 224 -19.09 -4.75 8.45
CA ASP C 224 -19.84 -3.67 7.83
C ASP C 224 -19.17 -2.33 8.13
N LYS C 225 -19.14 -1.44 7.15
CA LYS C 225 -18.51 -0.14 7.39
C LYS C 225 -19.29 0.65 8.46
N GLN C 226 -18.54 1.50 9.14
CA GLN C 226 -19.09 2.39 10.16
C GLN C 226 -18.11 3.54 10.35
N GLY D 16 5.06 -19.89 3.77
CA GLY D 16 3.78 -19.35 4.32
C GLY D 16 2.61 -20.18 3.83
N ASN D 17 1.76 -20.63 4.77
CA ASN D 17 0.54 -21.49 4.61
C ASN D 17 0.38 -22.77 3.76
N SER D 18 1.35 -23.67 3.88
CA SER D 18 1.32 -24.97 3.23
C SER D 18 2.00 -25.79 4.32
N GLY D 19 1.22 -26.63 5.02
CA GLY D 19 1.74 -27.44 6.12
C GLY D 19 1.54 -28.95 6.12
N SER D 20 1.15 -29.49 4.97
CA SER D 20 0.92 -30.93 4.83
C SER D 20 2.23 -31.57 4.43
N ILE D 21 2.38 -32.86 4.70
CA ILE D 21 3.61 -33.57 4.31
C ILE D 21 3.46 -33.90 2.82
N VAL D 22 2.20 -33.82 2.39
CA VAL D 22 1.73 -34.11 1.04
C VAL D 22 1.65 -32.86 0.16
N GLN D 23 2.25 -31.77 0.59
CA GLN D 23 2.23 -30.53 -0.20
C GLN D 23 3.10 -30.72 -1.44
N ASN D 24 3.98 -31.71 -1.39
CA ASN D 24 4.83 -31.98 -2.52
C ASN D 24 4.48 -33.29 -3.22
N PHE D 25 3.18 -33.55 -3.31
CA PHE D 25 2.65 -34.73 -3.97
C PHE D 25 3.01 -34.58 -5.46
N TYR D 26 3.06 -33.33 -5.92
CA TYR D 26 3.44 -33.01 -7.29
C TYR D 26 4.76 -32.25 -7.14
N MET D 27 5.71 -32.53 -8.04
CA MET D 27 7.02 -31.88 -8.04
C MET D 27 6.97 -30.37 -8.00
N GLN D 28 8.01 -29.79 -7.42
CA GLN D 28 8.12 -28.35 -7.27
C GLN D 28 7.97 -27.57 -8.60
N GLN D 29 8.30 -28.21 -9.73
CA GLN D 29 8.21 -27.57 -11.04
C GLN D 29 6.84 -27.69 -11.74
N TYR D 30 6.02 -28.61 -11.22
CA TYR D 30 4.68 -28.86 -11.71
C TYR D 30 3.70 -28.07 -10.87
N GLN D 31 3.93 -28.06 -9.56
CA GLN D 31 3.05 -27.38 -8.62
C GLN D 31 3.08 -25.85 -8.74
N ASN D 32 4.27 -25.28 -8.82
CA ASN D 32 4.37 -23.84 -8.94
C ASN D 32 5.20 -23.37 -10.14
N SER D 33 5.52 -22.08 -10.17
CA SER D 33 6.35 -21.57 -11.23
C SER D 33 7.75 -21.68 -10.66
N ILE D 34 8.75 -21.38 -11.47
CA ILE D 34 10.11 -21.47 -11.00
C ILE D 34 10.73 -20.16 -11.37
N ASP D 35 11.51 -19.61 -10.44
CA ASP D 35 12.20 -18.35 -10.68
C ASP D 35 13.44 -18.69 -11.47
N ALA D 36 13.91 -17.77 -12.29
CA ALA D 36 15.10 -18.02 -13.06
C ALA D 36 16.40 -17.78 -12.22
#